data_2Q29
#
_entry.id   2Q29
#
_cell.length_a   132.570
_cell.length_b   145.530
_cell.length_c   147.190
_cell.angle_alpha   90.000
_cell.angle_beta   90.000
_cell.angle_gamma   90.000
#
_symmetry.space_group_name_H-M   'C 2 2 21'
#
loop_
_entity.id
_entity.type
_entity.pdbx_description
1 polymer 'oxalyl-CoA decarboxylase'
2 non-polymer 'MAGNESIUM ION'
3 non-polymer 'ACETYL COENZYME *A'
4 non-polymer 'THIAMINE DIPHOSPHATE'
5 non-polymer '2-(N-MORPHOLINO)-ETHANESULFONIC ACID'
6 water water
#
_entity_poly.entity_id   1
_entity_poly.type   'polypeptide(L)'
_entity_poly.pdbx_seq_one_letter_code
;MSDQLQMTDGMHIIVEALKQNNIDTIYGVVGIPVTDMARHAQAEGIRYIGFRHEQSAGYAAAASGFLTQKPGICLTVSAP
GFLNGLTALANATVNGFPMIMISGSSDRAIVDLQQGDYEELDQMNAAKPYAKAAFRVNQPQDLGIALARAIRVSVSGRPG
GVYLDLPANVLAATMEKDEALTTIVKVENPSPALLPCPKSVTSAISLLAKAERPLIILGKGAAYSQADEQLREFIESAQI
PFLPMSMAKGILEDTHPLSAAAARSFALANADVVMLVGARLNWLLAHGKKGWAADTQFIQLDIEPQEIDSNRPIAVPVVG
DIASSMQGMLAELKQNTFTTPLVWRDILNIHKQQNAQKMHEKLSTDTQPLNYFNALSAVRDVLRENQDIYLVNEGANTLD
NARNIIDMYKPRRRLDCGTWGVMGIGMGYAIGASVTSGSPVVAIEGDSAFGFSGMEIETICRYNLPVTIVIFNNGGIYRG
DGVDLSGAGAPSPTDLLHHARYDKLMDAFRGVGYNVTTTDELRHALTTGIQSRKPTIINVVIDPAAGTESGHITKLNPKQ
VAGN
;
_entity_poly.pdbx_strand_id   A,B
#
loop_
_chem_comp.id
_chem_comp.type
_chem_comp.name
_chem_comp.formula
ACO non-polymer 'ACETYL COENZYME *A' 'C23 H38 N7 O17 P3 S'
MES non-polymer '2-(N-MORPHOLINO)-ETHANESULFONIC ACID' 'C6 H13 N O4 S'
MG non-polymer 'MAGNESIUM ION' 'Mg 2'
TPP non-polymer 'THIAMINE DIPHOSPHATE' 'C12 H19 N4 O7 P2 S 1'
#
# COMPACT_ATOMS: atom_id res chain seq x y z
N LEU A 5 -30.41 -32.86 -4.82
CA LEU A 5 -29.54 -31.88 -4.11
C LEU A 5 -28.06 -32.13 -4.41
N GLN A 6 -27.56 -31.44 -5.42
CA GLN A 6 -26.19 -31.64 -5.87
C GLN A 6 -25.24 -30.82 -5.01
N MET A 7 -24.19 -31.47 -4.53
CA MET A 7 -23.21 -30.79 -3.66
C MET A 7 -21.92 -30.54 -4.45
N THR A 8 -21.13 -29.59 -3.95
CA THR A 8 -19.81 -29.37 -4.51
C THR A 8 -18.84 -29.20 -3.33
N ASP A 9 -17.57 -28.97 -3.60
CA ASP A 9 -16.66 -28.70 -2.49
C ASP A 9 -15.73 -27.51 -2.78
N GLY A 10 -14.93 -27.15 -1.79
CA GLY A 10 -14.07 -25.96 -1.92
C GLY A 10 -13.15 -26.11 -3.11
N MET A 11 -12.61 -27.31 -3.33
CA MET A 11 -11.69 -27.52 -4.45
C MET A 11 -12.38 -27.16 -5.80
N HIS A 12 -13.61 -27.63 -5.99
CA HIS A 12 -14.34 -27.36 -7.23
C HIS A 12 -14.67 -25.88 -7.37
N ILE A 13 -14.97 -25.25 -6.23
CA ILE A 13 -15.33 -23.83 -6.18
C ILE A 13 -14.13 -22.97 -6.61
N ILE A 14 -12.95 -23.25 -6.03
CA ILE A 14 -11.80 -22.40 -6.39
C ILE A 14 -11.40 -22.57 -7.88
N VAL A 15 -11.47 -23.81 -8.38
CA VAL A 15 -11.21 -24.04 -9.80
C VAL A 15 -12.20 -23.25 -10.69
N GLU A 16 -13.48 -23.32 -10.35
CA GLU A 16 -14.49 -22.57 -11.10
C GLU A 16 -14.24 -21.05 -11.02
N ALA A 17 -13.82 -20.57 -9.84
CA ALA A 17 -13.49 -19.14 -9.67
C ALA A 17 -12.30 -18.76 -10.55
N LEU A 18 -11.28 -19.60 -10.61
CA LEU A 18 -10.14 -19.34 -11.50
C LEU A 18 -10.61 -19.29 -12.97
N LYS A 19 -11.43 -20.26 -13.37
CA LYS A 19 -11.94 -20.32 -14.75
C LYS A 19 -12.69 -19.06 -15.15
N GLN A 20 -13.63 -18.66 -14.29
CA GLN A 20 -14.44 -17.45 -14.56
C GLN A 20 -13.59 -16.19 -14.68
N ASN A 21 -12.44 -16.20 -14.00
CA ASN A 21 -11.54 -15.08 -14.04
C ASN A 21 -10.45 -15.20 -15.10
N ASN A 22 -10.71 -16.07 -16.08
CA ASN A 22 -9.89 -16.22 -17.27
C ASN A 22 -8.45 -16.68 -16.95
N ILE A 23 -8.31 -17.46 -15.89
CA ILE A 23 -7.01 -18.09 -15.65
C ILE A 23 -6.95 -19.29 -16.55
N ASP A 24 -5.96 -19.32 -17.45
CA ASP A 24 -5.89 -20.48 -18.33
C ASP A 24 -4.64 -21.31 -18.11
N THR A 25 -3.79 -20.88 -17.20
CA THR A 25 -2.54 -21.61 -16.92
C THR A 25 -2.24 -21.57 -15.41
N ILE A 26 -1.78 -22.70 -14.87
CA ILE A 26 -1.28 -22.77 -13.48
C ILE A 26 0.12 -23.41 -13.50
N TYR A 27 1.05 -22.74 -12.85
CA TYR A 27 2.44 -23.23 -12.74
C TYR A 27 2.61 -23.76 -11.30
N GLY A 28 3.11 -24.97 -11.11
CA GLY A 28 3.14 -25.47 -9.73
C GLY A 28 3.97 -26.71 -9.52
N VAL A 29 3.92 -27.22 -8.29
CA VAL A 29 4.42 -28.56 -7.93
C VAL A 29 3.38 -29.09 -6.95
N VAL A 30 2.85 -30.28 -7.23
CA VAL A 30 1.76 -30.81 -6.41
C VAL A 30 2.27 -31.69 -5.26
N GLY A 31 1.31 -32.33 -4.61
CA GLY A 31 1.52 -33.05 -3.34
C GLY A 31 0.32 -32.71 -2.46
N ILE A 32 0.32 -33.26 -1.25
CA ILE A 32 -0.76 -32.92 -0.30
C ILE A 32 -0.73 -31.42 0.08
N PRO A 33 -1.90 -30.75 0.14
CA PRO A 33 -3.26 -31.23 -0.18
C PRO A 33 -3.83 -30.76 -1.54
N VAL A 34 -2.96 -30.50 -2.52
CA VAL A 34 -3.41 -29.82 -3.74
C VAL A 34 -3.39 -30.63 -5.04
N THR A 35 -2.99 -31.90 -4.97
CA THR A 35 -2.87 -32.69 -6.19
C THR A 35 -4.21 -32.77 -6.91
N ASP A 36 -5.27 -33.04 -6.17
CA ASP A 36 -6.58 -33.22 -6.80
C ASP A 36 -7.03 -31.91 -7.42
N MET A 37 -6.73 -30.79 -6.76
CA MET A 37 -7.04 -29.49 -7.30
C MET A 37 -6.38 -29.29 -8.65
N ALA A 38 -5.09 -29.63 -8.76
CA ALA A 38 -4.39 -29.54 -10.04
C ALA A 38 -5.02 -30.43 -11.11
N ARG A 39 -5.29 -31.68 -10.74
CA ARG A 39 -5.93 -32.63 -11.69
C ARG A 39 -7.28 -32.11 -12.18
N HIS A 40 -8.07 -31.54 -11.28
CA HIS A 40 -9.39 -31.04 -11.63
C HIS A 40 -9.28 -29.78 -12.46
N ALA A 41 -8.39 -28.86 -12.07
CA ALA A 41 -8.12 -27.68 -12.90
C ALA A 41 -7.79 -28.10 -14.33
N GLN A 42 -6.92 -29.09 -14.49
CA GLN A 42 -6.56 -29.57 -15.81
C GLN A 42 -7.76 -30.22 -16.53
N ALA A 43 -8.56 -30.98 -15.77
CA ALA A 43 -9.85 -31.55 -16.30
C ALA A 43 -10.73 -30.45 -16.90
N GLU A 44 -10.75 -29.29 -16.25
CA GLU A 44 -11.60 -28.16 -16.64
C GLU A 44 -10.99 -27.28 -17.75
N GLY A 45 -9.85 -27.70 -18.29
CA GLY A 45 -9.21 -27.04 -19.44
C GLY A 45 -8.18 -25.98 -19.10
N ILE A 46 -7.85 -25.85 -17.82
CA ILE A 46 -6.69 -25.02 -17.45
C ILE A 46 -5.38 -25.79 -17.77
N ARG A 47 -4.41 -25.14 -18.40
CA ARG A 47 -3.14 -25.80 -18.70
C ARG A 47 -2.32 -25.87 -17.40
N TYR A 48 -1.90 -27.07 -17.00
CA TYR A 48 -1.05 -27.25 -15.80
C TYR A 48 0.40 -27.48 -16.22
N ILE A 49 1.30 -26.65 -15.68
CA ILE A 49 2.72 -26.82 -15.93
C ILE A 49 3.38 -27.19 -14.58
N GLY A 50 3.90 -28.41 -14.49
CA GLY A 50 4.53 -28.90 -13.23
C GLY A 50 6.04 -28.75 -13.29
N PHE A 51 6.62 -28.22 -12.21
CA PHE A 51 8.04 -27.90 -12.17
C PHE A 51 8.85 -28.87 -11.30
N ARG A 52 10.18 -28.73 -11.34
CA ARG A 52 11.06 -29.56 -10.52
C ARG A 52 11.30 -28.92 -9.14
N HIS A 53 10.96 -27.62 -9.04
CA HIS A 53 11.16 -26.88 -7.79
C HIS A 53 10.18 -25.71 -7.84
N GLU A 54 9.55 -25.39 -6.72
CA GLU A 54 8.51 -24.35 -6.69
C GLU A 54 9.03 -22.97 -7.00
N GLN A 55 10.30 -22.70 -6.72
CA GLN A 55 10.77 -21.33 -6.99
C GLN A 55 10.70 -21.05 -8.50
N SER A 56 11.05 -22.03 -9.34
CA SER A 56 10.90 -21.84 -10.77
C SER A 56 9.44 -21.71 -11.21
N ALA A 57 8.54 -22.44 -10.54
CA ALA A 57 7.10 -22.26 -10.80
C ALA A 57 6.69 -20.82 -10.54
N GLY A 58 7.15 -20.28 -9.40
CA GLY A 58 6.83 -18.90 -9.00
C GLY A 58 7.42 -17.86 -9.96
N TYR A 59 8.65 -18.09 -10.42
CA TYR A 59 9.28 -17.20 -11.42
C TYR A 59 8.47 -17.22 -12.71
N ALA A 60 8.05 -18.41 -13.16
CA ALA A 60 7.21 -18.53 -14.36
C ALA A 60 5.92 -17.71 -14.24
N ALA A 61 5.26 -17.83 -13.08
CA ALA A 61 4.02 -17.11 -12.85
C ALA A 61 4.24 -15.59 -12.93
N ALA A 62 5.28 -15.11 -12.27
CA ALA A 62 5.59 -13.65 -12.27
C ALA A 62 5.91 -13.14 -13.69
N ALA A 63 6.71 -13.92 -14.45
CA ALA A 63 6.99 -13.59 -15.88
C ALA A 63 5.70 -13.44 -16.65
N SER A 64 4.79 -14.41 -16.52
CA SER A 64 3.49 -14.35 -17.20
C SER A 64 2.73 -13.08 -16.79
N GLY A 65 2.80 -12.71 -15.51
CA GLY A 65 2.15 -11.45 -15.06
C GLY A 65 2.79 -10.21 -15.67
N PHE A 66 4.12 -10.16 -15.73
CA PHE A 66 4.81 -9.01 -16.35
C PHE A 66 4.39 -8.84 -17.83
N LEU A 67 4.26 -9.96 -18.52
CA LEU A 67 3.97 -9.92 -19.97
C LEU A 67 2.52 -9.53 -20.28
N THR A 68 1.61 -9.82 -19.35
CA THR A 68 0.18 -9.75 -19.65
C THR A 68 -0.68 -8.81 -18.82
N GLN A 69 -0.18 -8.38 -17.66
CA GLN A 69 -0.98 -7.65 -16.66
C GLN A 69 -2.10 -8.51 -16.04
N LYS A 70 -2.06 -9.83 -16.26
CA LYS A 70 -2.94 -10.75 -15.57
C LYS A 70 -2.07 -11.54 -14.59
N PRO A 71 -2.48 -11.68 -13.31
CA PRO A 71 -1.54 -12.28 -12.35
C PRO A 71 -1.26 -13.74 -12.75
N GLY A 72 0.02 -14.10 -12.82
CA GLY A 72 0.37 -15.53 -12.99
C GLY A 72 -0.03 -16.29 -11.74
N ILE A 73 -0.43 -17.55 -11.90
CA ILE A 73 -0.85 -18.37 -10.76
C ILE A 73 0.17 -19.45 -10.50
N CYS A 74 0.66 -19.49 -9.26
CA CYS A 74 1.63 -20.51 -8.81
C CYS A 74 0.95 -21.35 -7.71
N LEU A 75 1.01 -22.67 -7.82
CA LEU A 75 0.31 -23.55 -6.88
C LEU A 75 1.35 -24.39 -6.13
N THR A 76 1.29 -24.38 -4.80
CA THR A 76 2.23 -25.20 -4.01
C THR A 76 1.53 -25.98 -2.92
N VAL A 77 2.25 -26.92 -2.34
CA VAL A 77 1.81 -27.60 -1.12
C VAL A 77 2.07 -26.73 0.12
N SER A 78 1.90 -27.34 1.29
CA SER A 78 2.11 -26.68 2.57
C SER A 78 3.63 -26.49 2.87
N ALA A 79 3.94 -26.19 4.13
CA ALA A 79 5.26 -25.67 4.55
C ALA A 79 6.50 -25.83 3.62
N PRO A 80 7.02 -27.07 3.40
CA PRO A 80 8.26 -27.17 2.61
C PRO A 80 8.14 -26.58 1.16
N GLY A 81 7.00 -26.83 0.50
CA GLY A 81 6.79 -26.34 -0.87
C GLY A 81 6.44 -24.86 -0.87
N PHE A 82 5.60 -24.46 0.09
CA PHE A 82 5.24 -23.07 0.30
C PHE A 82 6.49 -22.20 0.46
N LEU A 83 7.44 -22.63 1.31
CA LEU A 83 8.63 -21.79 1.52
C LEU A 83 9.46 -21.60 0.27
N ASN A 84 9.60 -22.67 -0.52
CA ASN A 84 10.27 -22.57 -1.80
C ASN A 84 9.57 -21.57 -2.72
N GLY A 85 8.23 -21.66 -2.81
CA GLY A 85 7.48 -20.70 -3.66
C GLY A 85 7.58 -19.28 -3.12
N LEU A 86 7.61 -19.15 -1.78
CA LEU A 86 7.67 -17.83 -1.16
C LEU A 86 8.87 -17.02 -1.65
N THR A 87 10.02 -17.69 -1.84
CA THR A 87 11.22 -16.99 -2.35
C THR A 87 10.95 -16.29 -3.68
N ALA A 88 10.15 -16.95 -4.52
CA ALA A 88 9.77 -16.37 -5.80
C ALA A 88 8.70 -15.29 -5.63
N LEU A 89 7.73 -15.52 -4.75
CA LEU A 89 6.72 -14.50 -4.46
C LEU A 89 7.37 -13.20 -4.03
N ALA A 90 8.41 -13.32 -3.19
CA ALA A 90 9.18 -12.17 -2.71
C ALA A 90 9.77 -11.41 -3.88
N ASN A 91 10.32 -12.15 -4.84
CA ASN A 91 10.94 -11.54 -6.00
C ASN A 91 9.93 -10.80 -6.87
N ALA A 92 8.73 -11.37 -7.03
CA ALA A 92 7.69 -10.70 -7.80
C ALA A 92 7.30 -9.36 -7.17
N THR A 93 7.13 -9.34 -5.86
CA THR A 93 6.76 -8.10 -5.15
C THR A 93 7.83 -7.02 -5.29
N VAL A 94 9.11 -7.42 -5.17
CA VAL A 94 10.22 -6.47 -5.30
C VAL A 94 10.27 -5.86 -6.70
N ASN A 95 10.04 -6.70 -7.72
CA ASN A 95 10.10 -6.26 -9.11
C ASN A 95 8.83 -5.60 -9.66
N GLY A 96 7.72 -5.78 -8.97
CA GLY A 96 6.46 -5.19 -9.42
C GLY A 96 5.72 -6.05 -10.45
N PHE A 97 5.85 -7.36 -10.34
CA PHE A 97 5.18 -8.30 -11.28
C PHE A 97 3.98 -8.93 -10.58
N PRO A 98 2.79 -8.92 -11.22
CA PRO A 98 1.62 -9.45 -10.53
C PRO A 98 1.61 -10.97 -10.55
N MET A 99 1.35 -11.58 -9.38
CA MET A 99 1.15 -13.02 -9.33
C MET A 99 0.40 -13.38 -8.06
N ILE A 100 -0.21 -14.56 -8.06
CA ILE A 100 -0.88 -15.09 -6.88
C ILE A 100 -0.28 -16.46 -6.64
N MET A 101 0.32 -16.64 -5.45
CA MET A 101 0.75 -17.97 -5.05
C MET A 101 -0.38 -18.54 -4.18
N ILE A 102 -0.91 -19.67 -4.64
CA ILE A 102 -1.95 -20.39 -3.93
C ILE A 102 -1.25 -21.61 -3.32
N SER A 103 -1.33 -21.73 -1.99
CA SER A 103 -0.73 -22.89 -1.30
C SER A 103 -1.76 -23.56 -0.40
N GLY A 104 -1.74 -24.89 -0.41
CA GLY A 104 -2.42 -25.66 0.64
C GLY A 104 -1.74 -25.40 1.97
N SER A 105 -2.52 -25.49 3.05
CA SER A 105 -1.96 -25.49 4.39
C SER A 105 -2.67 -26.57 5.20
N SER A 106 -2.21 -26.76 6.44
CA SER A 106 -2.60 -27.93 7.24
C SER A 106 -3.79 -27.59 8.14
N ASP A 107 -3.87 -28.22 9.32
CA ASP A 107 -5.07 -28.10 10.17
C ASP A 107 -4.90 -26.85 11.03
N ARG A 108 -5.76 -25.85 10.82
CA ARG A 108 -5.68 -24.58 11.58
C ARG A 108 -5.62 -24.80 13.09
N ALA A 109 -6.39 -25.77 13.62
CA ALA A 109 -6.44 -25.97 15.07
C ALA A 109 -5.10 -26.46 15.59
N ILE A 110 -4.50 -27.40 14.86
CA ILE A 110 -3.23 -28.01 15.29
C ILE A 110 -2.08 -27.00 15.11
N VAL A 111 -2.08 -26.30 13.99
CA VAL A 111 -1.04 -25.30 13.74
C VAL A 111 -1.08 -24.14 14.76
N ASP A 112 -2.29 -23.65 15.06
CA ASP A 112 -2.47 -22.55 16.03
C ASP A 112 -2.01 -22.92 17.45
N LEU A 113 -1.97 -24.22 17.78
CA LEU A 113 -1.43 -24.69 19.06
C LEU A 113 0.02 -25.20 19.01
N GLN A 114 0.63 -25.11 17.82
CA GLN A 114 2.04 -25.52 17.57
C GLN A 114 2.30 -26.93 18.10
N GLN A 115 1.38 -27.84 17.75
CA GLN A 115 1.43 -29.21 18.27
C GLN A 115 2.23 -30.16 17.37
N GLY A 116 2.75 -29.62 16.25
CA GLY A 116 3.57 -30.44 15.32
C GLY A 116 2.74 -31.12 14.24
N ASP A 117 1.85 -30.36 13.61
CA ASP A 117 1.05 -30.86 12.50
C ASP A 117 1.97 -31.26 11.35
N TYR A 118 1.42 -32.07 10.45
CA TYR A 118 2.01 -32.29 9.14
C TYR A 118 2.30 -30.92 8.51
N GLU A 119 3.54 -30.73 8.03
CA GLU A 119 3.93 -29.49 7.37
C GLU A 119 3.42 -28.24 8.07
N GLU A 120 3.76 -28.14 9.37
CA GLU A 120 3.22 -27.07 10.21
C GLU A 120 3.90 -25.73 9.95
N LEU A 121 3.09 -24.73 9.55
CA LEU A 121 3.59 -23.36 9.52
C LEU A 121 2.40 -22.41 9.39
N ASP A 122 2.46 -21.27 10.08
CA ASP A 122 1.45 -20.23 9.82
C ASP A 122 1.91 -19.53 8.52
N GLN A 123 1.47 -20.10 7.40
CA GLN A 123 1.94 -19.67 6.08
C GLN A 123 1.46 -18.25 5.74
N MET A 124 0.25 -17.92 6.20
CA MET A 124 -0.29 -16.59 5.91
C MET A 124 0.64 -15.53 6.49
N ASN A 125 0.96 -15.69 7.77
CA ASN A 125 1.84 -14.74 8.44
C ASN A 125 3.26 -14.75 7.87
N ALA A 126 3.75 -15.93 7.51
CA ALA A 126 5.08 -16.10 6.89
C ALA A 126 5.22 -15.31 5.59
N ALA A 127 4.12 -15.23 4.84
CA ALA A 127 4.14 -14.62 3.51
C ALA A 127 4.01 -13.11 3.57
N LYS A 128 3.42 -12.60 4.66
CA LYS A 128 3.11 -11.17 4.81
C LYS A 128 4.25 -10.16 4.46
N PRO A 129 5.49 -10.40 4.95
CA PRO A 129 6.58 -9.48 4.60
C PRO A 129 6.95 -9.41 3.11
N TYR A 130 6.54 -10.40 2.33
CA TYR A 130 7.01 -10.57 0.95
C TYR A 130 5.92 -10.41 -0.10
N ALA A 131 4.75 -10.01 0.38
CA ALA A 131 3.57 -9.97 -0.49
C ALA A 131 2.84 -8.65 -0.28
N LYS A 132 2.09 -8.23 -1.30
CA LYS A 132 1.20 -7.09 -1.17
C LYS A 132 0.07 -7.38 -0.17
N ALA A 133 -0.41 -8.62 -0.17
CA ALA A 133 -1.36 -9.06 0.84
C ALA A 133 -1.25 -10.56 0.98
N ALA A 134 -1.65 -11.06 2.15
CA ALA A 134 -1.72 -12.52 2.40
C ALA A 134 -3.09 -12.82 2.99
N PHE A 135 -3.84 -13.66 2.29
CA PHE A 135 -5.21 -14.00 2.72
C PHE A 135 -5.29 -15.49 3.03
N ARG A 136 -6.12 -15.88 4.01
CA ARG A 136 -6.37 -17.29 4.25
C ARG A 136 -7.88 -17.56 4.27
N VAL A 137 -8.30 -18.62 3.60
CA VAL A 137 -9.75 -18.88 3.41
C VAL A 137 -10.17 -20.10 4.20
N ASN A 138 -11.00 -19.87 5.20
CA ASN A 138 -11.50 -20.95 6.06
C ASN A 138 -12.85 -21.58 5.66
N GLN A 139 -13.65 -20.84 4.90
CA GLN A 139 -15.02 -21.23 4.53
C GLN A 139 -15.16 -21.29 3.01
N PRO A 140 -15.77 -22.38 2.47
CA PRO A 140 -15.82 -22.50 1.00
C PRO A 140 -16.62 -21.39 0.31
N GLN A 141 -17.61 -20.84 1.02
CA GLN A 141 -18.42 -19.76 0.49
C GLN A 141 -17.66 -18.46 0.33
N ASP A 142 -16.44 -18.40 0.91
CA ASP A 142 -15.59 -17.19 0.82
C ASP A 142 -14.47 -17.31 -0.21
N LEU A 143 -14.35 -18.48 -0.85
CA LEU A 143 -13.31 -18.69 -1.87
C LEU A 143 -13.41 -17.71 -3.04
N GLY A 144 -14.63 -17.44 -3.52
CA GLY A 144 -14.79 -16.56 -4.66
C GLY A 144 -14.37 -15.12 -4.32
N ILE A 145 -14.82 -14.61 -3.19
CA ILE A 145 -14.48 -13.22 -2.86
C ILE A 145 -12.97 -13.13 -2.54
N ALA A 146 -12.43 -14.19 -1.93
CA ALA A 146 -10.99 -14.22 -1.61
C ALA A 146 -10.15 -14.12 -2.90
N LEU A 147 -10.53 -14.89 -3.92
CA LEU A 147 -9.81 -14.83 -5.20
C LEU A 147 -9.95 -13.45 -5.85
N ALA A 148 -11.15 -12.88 -5.77
CA ALA A 148 -11.38 -11.53 -6.27
C ALA A 148 -10.44 -10.51 -5.61
N ARG A 149 -10.29 -10.58 -4.28
CA ARG A 149 -9.37 -9.73 -3.54
C ARG A 149 -7.96 -9.93 -4.06
N ALA A 150 -7.56 -11.19 -4.19
CA ALA A 150 -6.18 -11.52 -4.58
C ALA A 150 -5.85 -10.97 -5.94
N ILE A 151 -6.78 -11.12 -6.89
CA ILE A 151 -6.60 -10.56 -8.23
C ILE A 151 -6.45 -9.03 -8.19
N ARG A 152 -7.41 -8.36 -7.55
CA ARG A 152 -7.35 -6.89 -7.47
C ARG A 152 -6.09 -6.39 -6.76
N VAL A 153 -5.75 -7.00 -5.63
CA VAL A 153 -4.52 -6.60 -4.94
C VAL A 153 -3.28 -6.79 -5.84
N SER A 154 -3.17 -7.95 -6.48
CA SER A 154 -1.95 -8.25 -7.24
C SER A 154 -1.65 -7.23 -8.39
N VAL A 155 -2.69 -6.72 -9.04
CA VAL A 155 -2.52 -5.89 -10.25
C VAL A 155 -2.73 -4.39 -10.00
N SER A 156 -3.30 -4.05 -8.86
CA SER A 156 -3.58 -2.63 -8.62
C SER A 156 -2.33 -1.97 -8.03
N GLY A 157 -2.28 -0.64 -7.99
CA GLY A 157 -1.11 0.05 -7.47
C GLY A 157 0.14 -0.37 -8.22
N ARG A 158 1.24 -0.50 -7.50
CA ARG A 158 2.41 -1.13 -8.05
C ARG A 158 2.13 -2.64 -7.94
N PRO A 159 2.06 -3.37 -9.07
CA PRO A 159 1.74 -4.80 -8.99
C PRO A 159 2.70 -5.64 -8.15
N GLY A 160 2.27 -6.80 -7.67
CA GLY A 160 3.18 -7.61 -6.90
C GLY A 160 2.57 -8.95 -6.58
N GLY A 161 3.23 -9.68 -5.70
CA GLY A 161 2.74 -11.03 -5.32
C GLY A 161 1.67 -10.95 -4.24
N VAL A 162 0.69 -11.84 -4.34
CA VAL A 162 -0.30 -11.99 -3.28
C VAL A 162 -0.29 -13.45 -2.89
N TYR A 163 -0.39 -13.72 -1.59
CA TYR A 163 -0.46 -15.10 -1.10
C TYR A 163 -1.92 -15.46 -0.77
N LEU A 164 -2.37 -16.59 -1.30
CA LEU A 164 -3.73 -17.10 -1.02
C LEU A 164 -3.63 -18.51 -0.42
N ASP A 165 -3.97 -18.61 0.86
CA ASP A 165 -3.78 -19.84 1.65
C ASP A 165 -5.08 -20.62 1.71
N LEU A 166 -5.03 -21.87 1.26
CA LEU A 166 -6.18 -22.76 1.28
C LEU A 166 -5.95 -23.92 2.22
N PRO A 167 -6.45 -23.83 3.47
CA PRO A 167 -6.28 -24.97 4.38
C PRO A 167 -6.91 -26.26 3.78
N ALA A 168 -6.31 -27.41 4.06
CA ALA A 168 -6.79 -28.66 3.48
C ALA A 168 -8.31 -28.79 3.73
N ASN A 169 -8.77 -28.39 4.91
CA ASN A 169 -10.21 -28.49 5.24
C ASN A 169 -11.16 -27.67 4.36
N VAL A 170 -10.73 -26.51 3.88
CA VAL A 170 -11.59 -25.70 2.99
C VAL A 170 -11.73 -26.37 1.62
N LEU A 171 -10.69 -27.07 1.16
CA LEU A 171 -10.74 -27.75 -0.12
C LEU A 171 -11.77 -28.89 -0.09
N ALA A 172 -11.83 -29.55 1.06
CA ALA A 172 -12.73 -30.69 1.26
C ALA A 172 -14.15 -30.27 1.67
N ALA A 173 -14.29 -29.05 2.21
CA ALA A 173 -15.57 -28.56 2.77
C ALA A 173 -16.66 -28.50 1.70
N THR A 174 -17.87 -28.94 2.04
CA THR A 174 -18.91 -29.02 1.03
C THR A 174 -19.93 -27.91 1.16
N MET A 175 -20.56 -27.59 0.03
CA MET A 175 -21.76 -26.77 0.02
C MET A 175 -22.65 -27.14 -1.16
N GLU A 176 -23.90 -26.70 -1.12
CA GLU A 176 -24.83 -26.96 -2.22
C GLU A 176 -24.32 -26.25 -3.48
N LYS A 177 -24.36 -26.95 -4.61
CA LYS A 177 -23.76 -26.47 -5.84
C LYS A 177 -24.38 -25.16 -6.37
N ASP A 178 -25.70 -25.06 -6.39
CA ASP A 178 -26.35 -23.82 -6.86
C ASP A 178 -25.95 -22.62 -5.97
N GLU A 179 -25.99 -22.80 -4.65
CA GLU A 179 -25.61 -21.73 -3.75
C GLU A 179 -24.13 -21.39 -3.98
N ALA A 180 -23.30 -22.42 -4.15
CA ALA A 180 -21.86 -22.22 -4.40
C ALA A 180 -21.61 -21.33 -5.62
N LEU A 181 -22.35 -21.57 -6.70
CA LEU A 181 -22.18 -20.75 -7.91
C LEU A 181 -22.48 -19.27 -7.69
N THR A 182 -23.36 -18.95 -6.73
CA THR A 182 -23.69 -17.55 -6.44
C THR A 182 -22.57 -16.82 -5.72
N THR A 183 -21.62 -17.57 -5.16
CA THR A 183 -20.51 -16.99 -4.38
C THR A 183 -19.24 -16.77 -5.21
N ILE A 184 -19.25 -17.16 -6.48
CA ILE A 184 -18.11 -16.94 -7.37
C ILE A 184 -18.15 -15.52 -7.93
N VAL A 185 -17.00 -14.86 -7.97
CA VAL A 185 -16.92 -13.45 -8.32
C VAL A 185 -16.00 -13.26 -9.53
N LYS A 186 -16.58 -12.77 -10.63
CA LYS A 186 -15.79 -12.42 -11.81
C LYS A 186 -15.39 -10.96 -11.73
N VAL A 187 -14.09 -10.71 -11.71
CA VAL A 187 -13.61 -9.35 -11.57
C VAL A 187 -13.49 -8.70 -12.95
N GLU A 188 -14.24 -7.63 -13.15
CA GLU A 188 -14.14 -6.83 -14.36
C GLU A 188 -13.21 -5.65 -14.07
N ASN A 189 -12.27 -5.39 -14.98
CA ASN A 189 -11.35 -4.27 -14.81
C ASN A 189 -10.66 -4.24 -13.42
N PRO A 190 -9.84 -5.27 -13.12
CA PRO A 190 -9.24 -5.33 -11.78
C PRO A 190 -8.20 -4.23 -11.48
N SER A 191 -7.63 -3.58 -12.49
CA SER A 191 -6.78 -2.40 -12.22
C SER A 191 -7.30 -1.16 -12.96
N PRO A 192 -8.20 -0.41 -12.32
CA PRO A 192 -8.77 0.75 -13.02
C PRO A 192 -7.73 1.84 -13.19
N ALA A 193 -7.91 2.63 -14.25
CA ALA A 193 -7.05 3.76 -14.55
C ALA A 193 -7.09 4.77 -13.40
N LEU A 194 -5.93 5.32 -13.07
CA LEU A 194 -5.79 6.38 -12.09
C LEU A 194 -5.07 7.55 -12.77
N LEU A 195 -5.78 8.65 -12.95
CA LEU A 195 -5.29 9.76 -13.77
C LEU A 195 -4.56 10.77 -12.90
N PRO A 196 -3.44 11.34 -13.42
CA PRO A 196 -2.68 12.30 -12.62
C PRO A 196 -3.37 13.65 -12.49
N CYS A 197 -3.01 14.38 -11.43
CA CYS A 197 -3.35 15.80 -11.31
C CYS A 197 -2.99 16.56 -12.60
N PRO A 198 -3.98 17.20 -13.25
CA PRO A 198 -3.65 17.92 -14.49
C PRO A 198 -2.58 19.00 -14.29
N LYS A 199 -2.54 19.61 -13.10
CA LYS A 199 -1.49 20.59 -12.79
C LYS A 199 -0.08 19.97 -12.87
N SER A 200 0.07 18.73 -12.40
CA SER A 200 1.33 17.99 -12.51
C SER A 200 1.78 17.85 -13.94
N VAL A 201 0.82 17.52 -14.80
CA VAL A 201 1.10 17.29 -16.21
C VAL A 201 1.54 18.60 -16.86
N THR A 202 0.80 19.67 -16.62
CA THR A 202 1.21 20.98 -17.15
C THR A 202 2.61 21.39 -16.66
N SER A 203 2.90 21.19 -15.37
CA SER A 203 4.21 21.53 -14.81
C SER A 203 5.33 20.71 -15.43
N ALA A 204 5.03 19.43 -15.72
CA ALA A 204 6.05 18.54 -16.29
C ALA A 204 6.44 19.00 -17.68
N ILE A 205 5.42 19.28 -18.50
CA ILE A 205 5.67 19.72 -19.88
C ILE A 205 6.43 21.05 -19.88
N SER A 206 6.00 21.96 -19.01
CA SER A 206 6.65 23.27 -18.90
C SER A 206 8.14 23.14 -18.54
N LEU A 207 8.46 22.29 -17.56
CA LEU A 207 9.85 22.04 -17.17
C LEU A 207 10.68 21.41 -18.30
N LEU A 208 10.11 20.45 -19.01
CA LEU A 208 10.77 19.83 -20.16
C LEU A 208 11.06 20.87 -21.23
N ALA A 209 10.09 21.73 -21.47
CA ALA A 209 10.21 22.75 -22.53
C ALA A 209 11.32 23.77 -22.24
N LYS A 210 11.62 23.98 -20.95
CA LYS A 210 12.69 24.88 -20.51
C LYS A 210 14.05 24.19 -20.42
N ALA A 211 14.05 22.86 -20.54
CA ALA A 211 15.29 22.09 -20.34
C ALA A 211 16.28 22.31 -21.48
N GLU A 212 17.56 22.47 -21.14
CA GLU A 212 18.60 22.50 -22.14
C GLU A 212 19.00 21.10 -22.56
N ARG A 213 18.91 20.17 -21.61
CA ARG A 213 19.48 18.83 -21.79
C ARG A 213 18.55 17.78 -21.18
N PRO A 214 17.30 17.67 -21.70
CA PRO A 214 16.33 16.76 -21.08
C PRO A 214 16.63 15.28 -21.43
N LEU A 215 16.25 14.39 -20.54
CA LEU A 215 16.50 12.96 -20.73
C LEU A 215 15.31 12.23 -20.13
N ILE A 216 14.79 11.24 -20.87
CA ILE A 216 13.77 10.34 -20.33
C ILE A 216 14.45 9.04 -19.93
N ILE A 217 14.07 8.48 -18.78
CA ILE A 217 14.55 7.15 -18.43
C ILE A 217 13.33 6.25 -18.37
N LEU A 218 13.35 5.18 -19.18
CA LEU A 218 12.25 4.21 -19.19
C LEU A 218 12.60 3.01 -18.31
N GLY A 219 11.77 2.75 -17.30
CA GLY A 219 12.06 1.67 -16.37
C GLY A 219 11.10 0.52 -16.60
N LYS A 220 11.19 -0.51 -15.78
CA LYS A 220 10.30 -1.62 -16.06
C LYS A 220 8.80 -1.30 -15.83
N GLY A 221 8.50 -0.27 -15.03
CA GLY A 221 7.10 0.21 -14.93
C GLY A 221 6.58 0.71 -16.27
N ALA A 222 7.45 1.40 -17.01
CA ALA A 222 7.09 1.82 -18.36
C ALA A 222 6.77 0.62 -19.29
N ALA A 223 7.62 -0.39 -19.25
CA ALA A 223 7.42 -1.60 -20.07
C ALA A 223 6.12 -2.29 -19.66
N TYR A 224 5.89 -2.43 -18.35
CA TYR A 224 4.71 -3.13 -17.86
C TYR A 224 3.41 -2.46 -18.30
N SER A 225 3.43 -1.14 -18.40
CA SER A 225 2.24 -0.34 -18.68
C SER A 225 1.63 -0.60 -20.06
N GLN A 226 2.44 -1.12 -20.98
CA GLN A 226 2.02 -1.32 -22.39
C GLN A 226 1.55 0.00 -23.05
N ALA A 227 2.13 1.11 -22.65
CA ALA A 227 1.86 2.41 -23.28
C ALA A 227 2.88 2.64 -24.40
N ASP A 228 3.18 1.59 -25.17
CA ASP A 228 4.29 1.61 -26.15
C ASP A 228 4.12 2.71 -27.18
N GLU A 229 2.94 2.79 -27.80
CA GLU A 229 2.75 3.80 -28.85
C GLU A 229 2.80 5.24 -28.28
N GLN A 230 2.22 5.47 -27.10
CA GLN A 230 2.25 6.81 -26.46
C GLN A 230 3.68 7.22 -26.11
N LEU A 231 4.44 6.30 -25.51
CA LEU A 231 5.87 6.60 -25.20
C LEU A 231 6.66 6.94 -26.46
N ARG A 232 6.47 6.16 -27.52
CA ARG A 232 7.19 6.42 -28.77
C ARG A 232 6.79 7.78 -29.36
N GLU A 233 5.49 8.05 -29.38
CA GLU A 233 4.97 9.32 -29.94
C GLU A 233 5.51 10.52 -29.17
N PHE A 234 5.54 10.42 -27.84
CA PHE A 234 6.06 11.50 -26.98
C PHE A 234 7.55 11.77 -27.25
N ILE A 235 8.33 10.72 -27.19
CA ILE A 235 9.75 10.78 -27.48
C ILE A 235 10.08 11.35 -28.87
N GLU A 236 9.40 10.84 -29.89
CA GLU A 236 9.70 11.28 -31.27
C GLU A 236 9.17 12.69 -31.53
N SER A 237 8.04 13.04 -30.93
CA SER A 237 7.46 14.39 -31.11
C SER A 237 8.38 15.49 -30.65
N ALA A 238 8.93 15.36 -29.44
CA ALA A 238 9.80 16.39 -28.86
C ALA A 238 11.29 16.05 -29.04
N GLN A 239 11.57 14.92 -29.69
CA GLN A 239 12.95 14.42 -29.94
C GLN A 239 13.78 14.36 -28.64
N ILE A 240 13.21 13.70 -27.63
CA ILE A 240 13.84 13.65 -26.31
C ILE A 240 14.68 12.38 -26.21
N PRO A 241 16.02 12.52 -26.01
CA PRO A 241 16.87 11.35 -25.81
C PRO A 241 16.35 10.49 -24.63
N PHE A 242 16.50 9.18 -24.75
CA PHE A 242 15.99 8.30 -23.69
C PHE A 242 17.01 7.22 -23.32
N LEU A 243 16.94 6.77 -22.07
CA LEU A 243 17.75 5.65 -21.60
C LEU A 243 16.80 4.51 -21.22
N PRO A 244 16.87 3.38 -21.93
CA PRO A 244 16.09 2.22 -21.51
C PRO A 244 16.81 1.43 -20.41
N MET A 245 16.14 1.25 -19.28
CA MET A 245 16.63 0.29 -18.30
C MET A 245 16.43 -1.12 -18.84
N SER A 246 17.10 -2.10 -18.22
CA SER A 246 17.14 -3.47 -18.76
C SER A 246 15.82 -3.99 -19.33
N MET A 247 14.76 -4.06 -18.52
CA MET A 247 13.52 -4.69 -19.02
C MET A 247 12.60 -3.73 -19.78
N ALA A 248 13.06 -2.48 -19.94
CA ALA A 248 12.44 -1.48 -20.80
C ALA A 248 13.07 -1.43 -22.20
N LYS A 249 14.16 -2.16 -22.40
CA LYS A 249 14.75 -2.29 -23.75
C LYS A 249 13.67 -2.79 -24.70
N GLY A 250 13.60 -2.21 -25.89
CA GLY A 250 12.63 -2.66 -26.88
C GLY A 250 11.29 -1.95 -26.92
N ILE A 251 10.95 -1.15 -25.91
CA ILE A 251 9.69 -0.36 -25.97
C ILE A 251 9.79 0.50 -27.23
N LEU A 252 10.89 1.22 -27.35
CA LEU A 252 11.39 1.64 -28.66
C LEU A 252 12.55 0.70 -28.98
N GLU A 253 12.75 0.41 -30.28
CA GLU A 253 13.84 -0.49 -30.64
C GLU A 253 15.17 0.07 -30.11
N ASP A 254 16.09 -0.81 -29.71
CA ASP A 254 17.34 -0.36 -29.09
C ASP A 254 18.24 0.36 -30.11
N THR A 255 17.94 0.16 -31.40
CA THR A 255 18.67 0.81 -32.48
C THR A 255 18.11 2.23 -32.76
N HIS A 256 17.12 2.66 -31.98
CA HIS A 256 16.45 3.94 -32.20
C HIS A 256 17.48 5.07 -32.12
N PRO A 257 17.41 6.04 -33.05
CA PRO A 257 18.43 7.09 -32.98
C PRO A 257 18.44 7.96 -31.70
N LEU A 258 17.35 7.95 -30.94
CA LEU A 258 17.32 8.75 -29.73
C LEU A 258 17.78 8.02 -28.46
N SER A 259 18.06 6.72 -28.59
CA SER A 259 18.57 5.98 -27.42
C SER A 259 19.96 6.45 -27.01
N ALA A 260 20.09 6.80 -25.74
CA ALA A 260 21.39 7.21 -25.20
C ALA A 260 22.07 6.09 -24.44
N ALA A 261 21.65 4.84 -24.70
CA ALA A 261 22.23 3.68 -24.01
C ALA A 261 23.75 3.62 -24.08
N ALA A 262 24.31 3.99 -25.23
CA ALA A 262 25.77 3.94 -25.42
C ALA A 262 26.52 5.17 -24.88
N ALA A 263 25.80 6.10 -24.26
CA ALA A 263 26.44 7.22 -23.56
C ALA A 263 25.77 7.44 -22.20
N ARG A 264 25.53 6.32 -21.51
CA ARG A 264 24.80 6.35 -20.27
C ARG A 264 25.42 7.28 -19.22
N SER A 265 26.72 7.12 -18.99
CA SER A 265 27.38 7.94 -17.97
C SER A 265 27.35 9.43 -18.32
N PHE A 266 27.66 9.74 -19.58
CA PHE A 266 27.59 11.13 -20.05
C PHE A 266 26.18 11.70 -19.88
N ALA A 267 25.15 10.92 -20.24
CA ALA A 267 23.77 11.37 -20.15
C ALA A 267 23.34 11.68 -18.71
N LEU A 268 23.65 10.78 -17.79
CA LEU A 268 23.30 11.01 -16.39
C LEU A 268 24.06 12.19 -15.78
N ALA A 269 25.33 12.35 -16.16
CA ALA A 269 26.19 13.40 -15.57
C ALA A 269 25.79 14.80 -16.04
N ASN A 270 25.16 14.87 -17.22
CA ASN A 270 24.92 16.14 -17.91
C ASN A 270 23.47 16.54 -18.15
N ALA A 271 22.54 15.60 -18.06
CA ALA A 271 21.14 16.00 -18.17
C ALA A 271 20.75 17.01 -17.08
N ASP A 272 19.94 18.00 -17.45
CA ASP A 272 19.47 18.99 -16.48
C ASP A 272 18.07 18.70 -15.95
N VAL A 273 17.21 18.14 -16.80
CA VAL A 273 15.85 17.71 -16.41
C VAL A 273 15.73 16.24 -16.81
N VAL A 274 15.36 15.40 -15.85
CA VAL A 274 15.28 13.96 -16.10
C VAL A 274 13.87 13.47 -15.77
N MET A 275 13.22 12.84 -16.75
CA MET A 275 11.85 12.35 -16.59
C MET A 275 11.91 10.84 -16.41
N LEU A 276 11.67 10.40 -15.19
CA LEU A 276 11.62 8.96 -14.84
C LEU A 276 10.23 8.45 -15.19
N VAL A 277 10.17 7.40 -16.01
CA VAL A 277 8.91 6.77 -16.36
C VAL A 277 8.93 5.33 -15.81
N GLY A 278 8.27 5.13 -14.67
CA GLY A 278 8.19 3.82 -14.03
C GLY A 278 9.59 3.32 -13.72
N ALA A 279 10.42 4.22 -13.20
CA ALA A 279 11.83 3.94 -12.90
C ALA A 279 12.19 4.57 -11.56
N ARG A 280 12.57 3.73 -10.62
CA ARG A 280 12.86 4.19 -9.27
C ARG A 280 14.33 4.63 -9.19
N LEU A 281 14.59 5.67 -8.38
CA LEU A 281 15.95 6.10 -8.08
C LEU A 281 16.59 5.18 -7.03
N ASN A 282 16.62 3.89 -7.33
CA ASN A 282 17.24 2.92 -6.43
C ASN A 282 18.69 2.70 -6.84
N TRP A 283 19.31 1.61 -6.40
CA TRP A 283 20.72 1.36 -6.67
C TRP A 283 21.05 1.25 -8.16
N LEU A 284 20.10 0.84 -8.99
CA LEU A 284 20.30 0.68 -10.42
C LEU A 284 20.56 2.03 -11.10
N LEU A 285 20.09 3.10 -10.46
CA LEU A 285 20.33 4.47 -10.92
C LEU A 285 21.20 5.22 -9.92
N ALA A 286 21.96 4.47 -9.10
CA ALA A 286 22.85 5.09 -8.11
C ALA A 286 22.16 6.11 -7.20
N HIS A 287 20.85 5.90 -7.00
CA HIS A 287 20.04 6.73 -6.11
C HIS A 287 20.00 8.21 -6.52
N GLY A 288 20.28 8.50 -7.79
CA GLY A 288 20.36 9.88 -8.29
C GLY A 288 21.51 10.70 -7.72
N LYS A 289 22.51 10.01 -7.18
CA LYS A 289 23.61 10.68 -6.47
C LYS A 289 24.89 10.59 -7.27
N LYS A 290 25.71 9.56 -7.03
CA LYS A 290 26.98 9.38 -7.77
C LYS A 290 26.79 9.32 -9.29
N GLY A 291 27.52 10.17 -10.01
CA GLY A 291 27.44 10.17 -11.46
C GLY A 291 26.35 11.06 -12.03
N TRP A 292 25.57 11.71 -11.18
CA TRP A 292 24.54 12.63 -11.64
C TRP A 292 24.99 14.08 -11.48
N ALA A 293 24.41 14.96 -12.29
CA ALA A 293 24.58 16.40 -12.12
C ALA A 293 24.17 16.78 -10.71
N ALA A 294 24.88 17.77 -10.17
CA ALA A 294 24.63 18.22 -8.80
C ALA A 294 23.19 18.66 -8.57
N ASP A 295 22.57 19.24 -9.60
CA ASP A 295 21.24 19.87 -9.48
C ASP A 295 20.20 19.40 -10.51
N THR A 296 20.29 18.13 -10.91
CA THR A 296 19.26 17.51 -11.76
C THR A 296 17.88 17.88 -11.19
N GLN A 297 16.94 18.24 -12.06
CA GLN A 297 15.55 18.37 -11.67
C GLN A 297 14.78 17.16 -12.22
N PHE A 298 14.02 16.51 -11.35
CA PHE A 298 13.30 15.30 -11.72
C PHE A 298 11.82 15.50 -11.95
N ILE A 299 11.33 14.86 -13.01
CA ILE A 299 9.91 14.61 -13.22
C ILE A 299 9.77 13.12 -13.01
N GLN A 300 8.78 12.69 -12.23
CA GLN A 300 8.63 11.26 -12.00
C GLN A 300 7.21 10.77 -12.21
N LEU A 301 7.04 9.93 -13.24
CA LEU A 301 5.77 9.23 -13.45
C LEU A 301 5.83 7.90 -12.71
N ASP A 302 5.03 7.78 -11.65
CA ASP A 302 4.95 6.54 -10.88
C ASP A 302 3.55 6.43 -10.33
N ILE A 303 3.08 5.19 -10.20
CA ILE A 303 1.74 4.95 -9.65
C ILE A 303 1.71 5.07 -8.11
N GLU A 304 2.88 5.00 -7.46
CA GLU A 304 2.93 4.92 -6.01
C GLU A 304 3.37 6.27 -5.44
N PRO A 305 2.44 7.02 -4.83
CA PRO A 305 2.84 8.28 -4.21
C PRO A 305 3.90 8.05 -3.11
N GLN A 306 3.90 6.86 -2.51
CA GLN A 306 4.88 6.52 -1.45
C GLN A 306 6.34 6.46 -1.97
N GLU A 307 6.52 6.30 -3.29
CA GLU A 307 7.85 6.25 -3.89
C GLU A 307 8.46 7.65 -4.11
N ILE A 308 7.62 8.67 -4.15
CA ILE A 308 8.09 10.05 -4.43
C ILE A 308 8.98 10.54 -3.27
N ASP A 309 10.12 11.18 -3.59
CA ASP A 309 11.06 11.69 -2.57
C ASP A 309 11.69 10.57 -1.74
N SER A 310 11.82 9.37 -2.30
CA SER A 310 12.40 8.28 -1.55
C SER A 310 13.92 8.50 -1.43
N ASN A 311 14.52 9.13 -2.44
CA ASN A 311 15.99 9.27 -2.53
C ASN A 311 16.42 10.72 -2.76
N ARG A 312 16.02 11.30 -3.89
CA ARG A 312 16.25 12.72 -4.17
C ARG A 312 14.91 13.45 -4.18
N PRO A 313 14.89 14.73 -3.75
CA PRO A 313 13.67 15.51 -3.93
C PRO A 313 13.24 15.52 -5.40
N ILE A 314 11.95 15.32 -5.64
CA ILE A 314 11.38 15.26 -7.00
C ILE A 314 10.63 16.56 -7.26
N ALA A 315 11.13 17.31 -8.24
CA ALA A 315 10.60 18.61 -8.64
C ALA A 315 9.14 18.49 -9.09
N VAL A 316 8.86 17.54 -9.99
CA VAL A 316 7.50 17.36 -10.53
C VAL A 316 7.06 15.88 -10.50
N PRO A 317 6.47 15.46 -9.37
CA PRO A 317 5.79 14.16 -9.31
C PRO A 317 4.58 14.15 -10.29
N VAL A 318 4.43 13.06 -11.03
CA VAL A 318 3.24 12.86 -11.89
C VAL A 318 2.69 11.50 -11.48
N VAL A 319 1.80 11.52 -10.48
CA VAL A 319 1.38 10.30 -9.83
C VAL A 319 0.09 9.80 -10.48
N GLY A 320 0.12 8.57 -10.98
CA GLY A 320 -1.00 7.97 -11.69
C GLY A 320 -0.50 6.74 -12.44
N ASP A 321 -1.40 5.97 -13.05
CA ASP A 321 -0.92 4.84 -13.84
C ASP A 321 -0.19 5.39 -15.07
N ILE A 322 0.87 4.71 -15.48
CA ILE A 322 1.75 5.29 -16.48
C ILE A 322 1.06 5.53 -17.83
N ALA A 323 0.21 4.59 -18.26
CA ALA A 323 -0.59 4.78 -19.49
C ALA A 323 -1.46 6.04 -19.44
N SER A 324 -2.18 6.24 -18.33
CA SER A 324 -3.01 7.45 -18.19
C SER A 324 -2.15 8.70 -18.16
N SER A 325 -1.02 8.66 -17.43
CA SER A 325 -0.16 9.85 -17.35
C SER A 325 0.42 10.18 -18.73
N MET A 326 0.87 9.15 -19.46
CA MET A 326 1.38 9.40 -20.82
C MET A 326 0.34 9.95 -21.81
N GLN A 327 -0.92 9.53 -21.64
CA GLN A 327 -2.01 10.10 -22.44
C GLN A 327 -2.12 11.59 -22.14
N GLY A 328 -2.11 11.95 -20.86
CA GLY A 328 -2.14 13.37 -20.44
C GLY A 328 -0.94 14.17 -20.94
N MET A 329 0.25 13.60 -20.75
CA MET A 329 1.51 14.26 -21.19
C MET A 329 1.50 14.52 -22.68
N LEU A 330 1.04 13.54 -23.46
CA LEU A 330 0.98 13.69 -24.92
C LEU A 330 -0.02 14.79 -25.32
N ALA A 331 -1.18 14.80 -24.67
CA ALA A 331 -2.18 15.84 -24.92
C ALA A 331 -1.65 17.23 -24.57
N GLU A 332 -0.98 17.36 -23.44
CA GLU A 332 -0.42 18.64 -23.05
C GLU A 332 0.71 19.09 -23.99
N LEU A 333 1.54 18.16 -24.45
CA LEU A 333 2.59 18.46 -25.41
C LEU A 333 2.03 18.97 -26.73
N LYS A 334 0.97 18.31 -27.22
CA LYS A 334 0.27 18.71 -28.46
C LYS A 334 -0.21 20.16 -28.40
N GLN A 335 -0.62 20.61 -27.22
CA GLN A 335 -1.08 21.97 -27.03
C GLN A 335 0.06 22.96 -26.83
N ASN A 336 1.21 22.45 -26.38
CA ASN A 336 2.37 23.26 -26.06
C ASN A 336 3.65 22.57 -26.55
N THR A 337 3.82 22.54 -27.86
CA THR A 337 4.91 21.77 -28.43
C THR A 337 6.26 22.40 -28.11
N PHE A 338 7.28 21.55 -28.06
CA PHE A 338 8.65 22.01 -27.98
C PHE A 338 9.50 20.94 -28.63
N THR A 339 10.73 21.32 -28.95
CA THR A 339 11.70 20.39 -29.51
C THR A 339 12.96 20.49 -28.66
N THR A 340 13.46 19.35 -28.19
CA THR A 340 14.74 19.31 -27.46
C THR A 340 15.84 20.02 -28.27
N PRO A 341 16.73 20.81 -27.61
CA PRO A 341 17.82 21.43 -28.36
C PRO A 341 18.63 20.44 -29.19
N LEU A 342 18.80 20.75 -30.46
CA LEU A 342 19.64 19.93 -31.34
C LEU A 342 21.07 19.75 -30.82
N VAL A 343 21.64 20.78 -30.20
CA VAL A 343 23.02 20.68 -29.67
C VAL A 343 23.20 19.52 -28.65
N TRP A 344 22.23 19.36 -27.76
CA TRP A 344 22.23 18.30 -26.76
C TRP A 344 22.21 16.94 -27.44
N ARG A 345 21.32 16.77 -28.42
CA ARG A 345 21.26 15.54 -29.19
C ARG A 345 22.56 15.26 -29.91
N ASP A 346 23.14 16.31 -30.51
CA ASP A 346 24.41 16.19 -31.24
C ASP A 346 25.56 15.78 -30.31
N ILE A 347 25.67 16.40 -29.14
CA ILE A 347 26.78 16.04 -28.23
C ILE A 347 26.58 14.65 -27.63
N LEU A 348 25.34 14.29 -27.31
CA LEU A 348 25.07 12.86 -26.97
C LEU A 348 25.59 11.91 -28.05
N ASN A 349 25.30 12.20 -29.32
CA ASN A 349 25.74 11.37 -30.44
C ASN A 349 27.25 11.21 -30.55
N ILE A 350 28.00 12.28 -30.23
CA ILE A 350 29.46 12.23 -30.18
C ILE A 350 29.92 11.14 -29.20
N HIS A 351 29.33 11.15 -28.01
CA HIS A 351 29.69 10.21 -26.97
C HIS A 351 29.26 8.79 -27.28
N LYS A 352 28.06 8.67 -27.82
CA LYS A 352 27.52 7.37 -28.24
C LYS A 352 28.43 6.77 -29.29
N GLN A 353 28.88 7.61 -30.22
CA GLN A 353 29.76 7.15 -31.28
C GLN A 353 31.12 6.69 -30.75
N GLN A 354 31.68 7.42 -29.79
CA GLN A 354 32.95 7.05 -29.15
C GLN A 354 32.86 5.63 -28.55
N ASN A 355 31.78 5.39 -27.81
CA ASN A 355 31.57 4.08 -27.18
C ASN A 355 31.22 3.00 -28.20
N ALA A 356 30.44 3.36 -29.21
CA ALA A 356 30.10 2.42 -30.26
C ALA A 356 31.36 1.90 -30.98
N GLN A 357 32.30 2.80 -31.29
CA GLN A 357 33.56 2.38 -31.92
C GLN A 357 34.34 1.40 -31.02
N LYS A 358 34.40 1.69 -29.71
CA LYS A 358 35.07 0.80 -28.75
C LYS A 358 34.38 -0.58 -28.67
N MET A 359 33.04 -0.57 -28.62
CA MET A 359 32.25 -1.81 -28.58
C MET A 359 32.46 -2.63 -29.86
N HIS A 360 32.39 -1.95 -31.01
CA HIS A 360 32.52 -2.63 -32.30
C HIS A 360 33.86 -3.39 -32.41
N GLU A 361 34.93 -2.82 -31.85
CA GLU A 361 36.26 -3.47 -31.85
C GLU A 361 36.22 -4.79 -31.08
N LYS A 362 35.66 -4.73 -29.86
CA LYS A 362 35.53 -5.91 -29.00
C LYS A 362 34.63 -6.98 -29.64
N LEU A 363 33.51 -6.56 -30.26
CA LEU A 363 32.55 -7.50 -30.88
C LEU A 363 33.17 -8.26 -32.05
N SER A 364 34.01 -7.56 -32.82
CA SER A 364 34.44 -8.09 -34.08
C SER A 364 35.83 -8.74 -34.05
N THR A 365 36.55 -8.63 -32.94
CA THR A 365 37.90 -9.19 -32.82
C THR A 365 37.82 -10.66 -32.36
N ASP A 366 38.30 -11.56 -33.19
CA ASP A 366 38.34 -12.98 -32.81
C ASP A 366 39.36 -13.26 -31.71
N THR A 367 39.00 -14.18 -30.82
CA THR A 367 39.91 -14.71 -29.80
C THR A 367 39.65 -16.20 -29.64
N GLN A 368 40.68 -16.93 -29.20
CA GLN A 368 40.54 -18.35 -28.83
C GLN A 368 41.25 -18.54 -27.49
N PRO A 369 40.51 -18.92 -26.41
CA PRO A 369 39.08 -19.17 -26.43
C PRO A 369 38.26 -17.89 -26.67
N LEU A 370 36.97 -18.08 -26.91
CA LEU A 370 36.03 -16.97 -27.03
C LEU A 370 35.99 -16.09 -25.79
N ASN A 371 35.65 -14.83 -25.99
CA ASN A 371 35.37 -13.96 -24.86
C ASN A 371 33.90 -13.54 -24.89
N TYR A 372 33.48 -12.66 -23.99
CA TYR A 372 32.06 -12.31 -23.91
C TYR A 372 31.62 -11.55 -25.12
N PHE A 373 32.52 -10.72 -25.65
CA PHE A 373 32.18 -9.79 -26.71
C PHE A 373 32.02 -10.45 -28.07
N ASN A 374 33.01 -11.24 -28.46
CA ASN A 374 32.84 -11.94 -29.72
C ASN A 374 31.76 -13.04 -29.72
N ALA A 375 31.58 -13.73 -28.59
CA ALA A 375 30.48 -14.68 -28.49
C ALA A 375 29.14 -13.96 -28.61
N LEU A 376 28.96 -12.86 -27.87
CA LEU A 376 27.67 -12.17 -27.92
C LEU A 376 27.43 -11.49 -29.27
N SER A 377 28.51 -11.15 -29.96
CA SER A 377 28.35 -10.62 -31.32
C SER A 377 27.71 -11.68 -32.24
N ALA A 378 28.17 -12.92 -32.15
CA ALA A 378 27.52 -14.00 -32.88
C ALA A 378 26.05 -14.18 -32.49
N VAL A 379 25.76 -14.10 -31.18
CA VAL A 379 24.35 -14.17 -30.70
C VAL A 379 23.55 -13.00 -31.29
N ARG A 380 24.11 -11.79 -31.22
CA ARG A 380 23.48 -10.59 -31.76
C ARG A 380 23.11 -10.80 -33.25
N ASP A 381 24.05 -11.33 -34.03
CA ASP A 381 23.81 -11.55 -35.47
C ASP A 381 22.60 -12.46 -35.71
N VAL A 382 22.47 -13.53 -34.92
CA VAL A 382 21.36 -14.46 -35.09
C VAL A 382 20.03 -13.84 -34.64
N LEU A 383 20.06 -13.16 -33.49
CA LEU A 383 18.83 -12.67 -32.91
C LEU A 383 18.26 -11.52 -33.73
N ARG A 384 19.12 -10.79 -34.44
CA ARG A 384 18.67 -9.73 -35.33
C ARG A 384 17.74 -10.29 -36.42
N GLU A 385 17.94 -11.56 -36.78
CA GLU A 385 17.14 -12.23 -37.82
C GLU A 385 15.96 -13.01 -37.25
N ASN A 386 15.81 -12.97 -35.93
CA ASN A 386 14.78 -13.74 -35.23
C ASN A 386 14.11 -12.84 -34.19
N GLN A 387 13.47 -11.79 -34.67
CA GLN A 387 12.96 -10.74 -33.79
C GLN A 387 11.67 -11.15 -33.05
N ASP A 388 11.19 -12.36 -33.31
CA ASP A 388 9.99 -12.90 -32.63
C ASP A 388 10.33 -13.59 -31.29
N ILE A 389 11.59 -13.65 -30.93
CA ILE A 389 11.97 -14.42 -29.73
C ILE A 389 11.81 -13.61 -28.43
N TYR A 390 11.77 -14.34 -27.32
CA TYR A 390 11.95 -13.78 -26.00
C TYR A 390 13.37 -14.07 -25.56
N LEU A 391 13.96 -13.13 -24.82
CA LEU A 391 15.32 -13.26 -24.35
C LEU A 391 15.30 -13.29 -22.83
N VAL A 392 15.77 -14.39 -22.26
CA VAL A 392 15.96 -14.51 -20.82
C VAL A 392 17.47 -14.43 -20.59
N ASN A 393 17.90 -13.81 -19.50
CA ASN A 393 19.34 -13.53 -19.31
C ASN A 393 19.67 -13.44 -17.80
N GLU A 394 20.73 -14.14 -17.38
CA GLU A 394 21.22 -14.04 -15.99
C GLU A 394 22.68 -14.46 -15.92
N GLY A 395 23.36 -13.97 -14.89
CA GLY A 395 24.79 -14.20 -14.68
C GLY A 395 25.37 -12.89 -14.16
N ALA A 396 26.69 -12.73 -14.25
CA ALA A 396 27.29 -11.45 -13.90
C ALA A 396 27.85 -10.86 -15.20
N ASN A 397 29.03 -11.31 -15.63
CA ASN A 397 29.54 -10.93 -16.97
C ASN A 397 28.55 -11.27 -18.09
N THR A 398 27.94 -12.46 -17.98
CA THR A 398 26.96 -12.88 -18.98
C THR A 398 25.74 -11.96 -19.01
N LEU A 399 25.37 -11.43 -17.85
CA LEU A 399 24.22 -10.53 -17.77
C LEU A 399 24.58 -9.14 -18.33
N ASP A 400 25.59 -8.52 -17.76
CA ASP A 400 25.88 -7.12 -18.09
C ASP A 400 26.21 -7.00 -19.59
N ASN A 401 27.04 -7.91 -20.10
CA ASN A 401 27.40 -7.84 -21.52
C ASN A 401 26.24 -8.12 -22.47
N ALA A 402 25.42 -9.12 -22.16
CA ALA A 402 24.24 -9.38 -23.01
C ALA A 402 23.26 -8.21 -22.97
N ARG A 403 23.07 -7.62 -21.78
CA ARG A 403 22.22 -6.45 -21.66
C ARG A 403 22.67 -5.34 -22.62
N ASN A 404 23.97 -5.09 -22.64
CA ASN A 404 24.53 -4.01 -23.50
C ASN A 404 24.48 -4.34 -24.99
N ILE A 405 24.73 -5.59 -25.32
CA ILE A 405 25.02 -5.98 -26.72
C ILE A 405 23.79 -6.48 -27.48
N ILE A 406 22.91 -7.22 -26.79
CA ILE A 406 21.76 -7.80 -27.51
C ILE A 406 20.64 -6.76 -27.58
N ASP A 407 20.43 -6.21 -28.78
CA ASP A 407 19.35 -5.26 -29.04
C ASP A 407 17.97 -5.89 -29.01
N MET A 408 17.05 -5.23 -28.32
CA MET A 408 15.65 -5.64 -28.28
C MET A 408 14.91 -4.79 -29.29
N TYR A 409 14.11 -5.46 -30.12
CA TYR A 409 13.33 -4.79 -31.17
C TYR A 409 11.86 -4.60 -30.85
N LYS A 410 11.36 -5.35 -29.88
CA LYS A 410 9.96 -5.29 -29.48
C LYS A 410 9.88 -5.21 -27.95
N PRO A 411 8.78 -4.66 -27.41
CA PRO A 411 8.71 -4.50 -25.97
C PRO A 411 8.44 -5.79 -25.21
N ARG A 412 8.80 -5.80 -23.92
CA ARG A 412 8.48 -6.90 -23.02
C ARG A 412 8.95 -8.23 -23.58
N ARG A 413 10.18 -8.26 -24.10
CA ARG A 413 10.75 -9.50 -24.62
C ARG A 413 11.99 -9.89 -23.82
N ARG A 414 12.44 -9.01 -22.94
CA ARG A 414 13.64 -9.28 -22.14
C ARG A 414 13.29 -9.51 -20.66
N LEU A 415 13.75 -10.63 -20.11
CA LEU A 415 13.47 -10.96 -18.70
C LEU A 415 14.76 -11.35 -18.03
N ASP A 416 15.11 -10.70 -16.91
CA ASP A 416 16.41 -10.97 -16.30
C ASP A 416 16.38 -10.97 -14.76
N CYS A 417 17.58 -10.93 -14.17
CA CYS A 417 17.75 -11.01 -12.71
C CYS A 417 16.98 -9.94 -11.93
N GLY A 418 16.70 -8.81 -12.55
CA GLY A 418 15.80 -7.82 -11.93
C GLY A 418 16.42 -7.04 -10.75
N THR A 419 15.55 -6.43 -9.96
CA THR A 419 15.95 -5.47 -8.92
C THR A 419 16.78 -6.10 -7.79
N TRP A 420 16.51 -7.36 -7.49
CA TRP A 420 17.29 -8.06 -6.45
C TRP A 420 18.46 -8.86 -6.99
N GLY A 421 18.66 -8.78 -8.30
CA GLY A 421 19.79 -9.47 -8.96
C GLY A 421 19.84 -10.97 -8.63
N VAL A 422 18.69 -11.61 -8.72
CA VAL A 422 18.55 -13.01 -8.36
C VAL A 422 19.14 -13.92 -9.44
N MET A 423 20.04 -14.81 -9.05
CA MET A 423 20.41 -15.93 -9.91
C MET A 423 19.35 -17.02 -9.63
N GLY A 424 18.82 -17.60 -10.71
CA GLY A 424 17.89 -18.72 -10.56
C GLY A 424 16.57 -18.46 -11.26
N ILE A 425 16.44 -17.28 -11.90
CA ILE A 425 15.18 -16.98 -12.61
C ILE A 425 15.12 -17.52 -14.04
N GLY A 426 16.24 -18.09 -14.53
CA GLY A 426 16.40 -18.33 -15.99
C GLY A 426 15.41 -19.34 -16.54
N MET A 427 15.36 -20.53 -15.95
CA MET A 427 14.46 -21.55 -16.52
C MET A 427 12.98 -21.23 -16.32
N GLY A 428 12.62 -20.74 -15.13
CA GLY A 428 11.24 -20.33 -14.85
C GLY A 428 10.76 -19.22 -15.78
N TYR A 429 11.60 -18.18 -15.96
CA TYR A 429 11.23 -17.13 -16.88
C TYR A 429 11.10 -17.65 -18.30
N ALA A 430 12.00 -18.55 -18.72
CA ALA A 430 11.92 -19.10 -20.08
C ALA A 430 10.62 -19.90 -20.27
N ILE A 431 10.30 -20.73 -19.27
CA ILE A 431 9.07 -21.51 -19.31
C ILE A 431 7.83 -20.60 -19.32
N GLY A 432 7.76 -19.65 -18.38
CA GLY A 432 6.66 -18.68 -18.34
C GLY A 432 6.50 -17.92 -19.67
N ALA A 433 7.60 -17.42 -20.22
CA ALA A 433 7.55 -16.66 -21.46
C ALA A 433 7.08 -17.55 -22.62
N SER A 434 7.63 -18.76 -22.73
CA SER A 434 7.25 -19.69 -23.80
C SER A 434 5.77 -20.13 -23.70
N VAL A 435 5.35 -20.55 -22.52
CA VAL A 435 3.97 -20.97 -22.32
C VAL A 435 2.99 -19.81 -22.61
N THR A 436 3.30 -18.63 -22.09
CA THR A 436 2.43 -17.46 -22.25
C THR A 436 2.28 -17.04 -23.73
N SER A 437 3.42 -16.95 -24.42
CA SER A 437 3.47 -16.37 -25.76
C SER A 437 3.31 -17.36 -26.93
N GLY A 438 3.67 -18.62 -26.71
CA GLY A 438 3.78 -19.59 -27.81
C GLY A 438 4.97 -19.35 -28.71
N SER A 439 5.88 -18.46 -28.29
CA SER A 439 7.06 -18.06 -29.06
C SER A 439 8.34 -18.76 -28.58
N PRO A 440 9.38 -18.79 -29.44
CA PRO A 440 10.66 -19.34 -29.02
C PRO A 440 11.33 -18.43 -27.99
N VAL A 441 12.10 -19.05 -27.12
CA VAL A 441 12.86 -18.32 -26.10
C VAL A 441 14.34 -18.66 -26.27
N VAL A 442 15.18 -17.64 -26.11
CA VAL A 442 16.62 -17.86 -26.00
C VAL A 442 17.00 -17.44 -24.59
N ALA A 443 17.62 -18.34 -23.83
CA ALA A 443 18.11 -18.00 -22.48
C ALA A 443 19.64 -17.92 -22.50
N ILE A 444 20.16 -16.72 -22.28
CA ILE A 444 21.60 -16.52 -22.25
C ILE A 444 22.04 -16.55 -20.79
N GLU A 445 22.73 -17.63 -20.43
CA GLU A 445 22.93 -18.01 -19.01
C GLU A 445 24.39 -18.08 -18.64
N GLY A 446 24.75 -17.43 -17.54
CA GLY A 446 26.05 -17.73 -16.90
C GLY A 446 26.05 -19.19 -16.49
N ASP A 447 27.21 -19.81 -16.42
CA ASP A 447 27.25 -21.21 -15.94
C ASP A 447 26.85 -21.33 -14.45
N SER A 448 27.31 -20.41 -13.59
CA SER A 448 26.86 -20.42 -12.18
C SER A 448 25.35 -20.16 -12.15
N ALA A 449 24.90 -19.08 -12.83
CA ALA A 449 23.46 -18.76 -12.86
C ALA A 449 22.60 -19.99 -13.22
N PHE A 450 22.97 -20.67 -14.29
CA PHE A 450 22.21 -21.82 -14.77
C PHE A 450 22.00 -22.88 -13.68
N GLY A 451 23.05 -23.12 -12.88
CA GLY A 451 22.98 -24.15 -11.81
C GLY A 451 21.86 -23.93 -10.80
N PHE A 452 21.39 -22.70 -10.66
CA PHE A 452 20.29 -22.42 -9.69
C PHE A 452 18.92 -22.97 -10.11
N SER A 453 18.71 -23.22 -11.40
CA SER A 453 17.43 -23.76 -11.87
C SER A 453 17.54 -24.83 -12.95
N GLY A 454 18.74 -25.39 -13.15
CA GLY A 454 19.01 -26.22 -14.34
C GLY A 454 18.20 -27.49 -14.46
N MET A 455 17.68 -28.03 -13.34
CA MET A 455 16.88 -29.26 -13.46
C MET A 455 15.57 -29.03 -14.23
N GLU A 456 15.14 -27.76 -14.34
CA GLU A 456 13.95 -27.43 -15.15
C GLU A 456 14.13 -27.71 -16.64
N ILE A 457 15.32 -28.10 -17.06
CA ILE A 457 15.44 -28.50 -18.46
C ILE A 457 14.54 -29.73 -18.70
N GLU A 458 14.28 -30.51 -17.65
CA GLU A 458 13.37 -31.65 -17.84
C GLU A 458 11.94 -31.17 -18.06
N THR A 459 11.56 -30.09 -17.37
CA THR A 459 10.26 -29.48 -17.55
C THR A 459 10.11 -28.98 -19.00
N ILE A 460 11.15 -28.34 -19.50
CA ILE A 460 11.18 -27.80 -20.86
C ILE A 460 10.98 -28.96 -21.86
N CYS A 461 11.70 -30.07 -21.64
CA CYS A 461 11.54 -31.28 -22.49
C CYS A 461 10.15 -31.90 -22.37
N ARG A 462 9.63 -31.98 -21.14
CA ARG A 462 8.34 -32.61 -20.86
C ARG A 462 7.21 -31.94 -21.65
N TYR A 463 7.27 -30.62 -21.80
CA TYR A 463 6.24 -29.85 -22.50
C TYR A 463 6.68 -29.45 -23.91
N ASN A 464 7.86 -29.93 -24.29
CA ASN A 464 8.42 -29.72 -25.63
C ASN A 464 8.43 -28.24 -26.00
N LEU A 465 8.97 -27.42 -25.09
CA LEU A 465 8.94 -25.98 -25.28
C LEU A 465 10.15 -25.53 -26.09
N PRO A 466 9.96 -24.56 -27.02
CA PRO A 466 11.03 -24.11 -27.89
C PRO A 466 12.00 -23.15 -27.18
N VAL A 467 12.79 -23.70 -26.26
CA VAL A 467 13.75 -22.92 -25.50
C VAL A 467 15.17 -23.34 -25.90
N THR A 468 15.96 -22.35 -26.33
CA THR A 468 17.39 -22.56 -26.60
C THR A 468 18.20 -21.91 -25.48
N ILE A 469 18.91 -22.76 -24.71
CA ILE A 469 19.69 -22.31 -23.55
C ILE A 469 21.14 -22.21 -23.95
N VAL A 470 21.67 -20.99 -23.92
CA VAL A 470 23.04 -20.73 -24.33
C VAL A 470 23.82 -20.46 -23.08
N ILE A 471 24.63 -21.43 -22.67
CA ILE A 471 25.42 -21.29 -21.43
C ILE A 471 26.82 -20.78 -21.72
N PHE A 472 27.15 -19.63 -21.14
CA PHE A 472 28.49 -19.05 -21.22
C PHE A 472 29.39 -19.72 -20.19
N ASN A 473 30.07 -20.76 -20.64
CA ASN A 473 30.79 -21.63 -19.73
C ASN A 473 32.24 -21.16 -19.56
N ASN A 474 32.47 -20.27 -18.60
CA ASN A 474 33.80 -19.80 -18.27
C ASN A 474 34.39 -20.56 -17.08
N GLY A 475 33.68 -21.58 -16.61
CA GLY A 475 34.19 -22.44 -15.55
C GLY A 475 34.10 -21.85 -14.14
N GLY A 476 33.17 -20.91 -13.95
CA GLY A 476 33.01 -20.36 -12.61
C GLY A 476 32.15 -19.11 -12.45
N ILE A 477 32.12 -18.66 -11.20
CA ILE A 477 31.44 -17.44 -10.78
C ILE A 477 32.39 -16.28 -11.13
N TYR A 478 31.98 -15.47 -12.12
CA TYR A 478 32.76 -14.36 -12.71
C TYR A 478 33.92 -14.81 -13.61
N ARG A 479 34.74 -15.73 -13.11
CA ARG A 479 35.94 -16.22 -13.77
C ARG A 479 36.15 -17.68 -13.40
N GLY A 480 36.95 -18.39 -14.19
CA GLY A 480 37.25 -19.79 -13.93
C GLY A 480 38.71 -20.06 -13.63
N ASP A 481 39.47 -19.02 -13.37
CA ASP A 481 40.91 -19.20 -13.16
C ASP A 481 41.33 -18.96 -11.70
N GLY A 482 40.43 -19.28 -10.77
CA GLY A 482 40.70 -19.10 -9.34
C GLY A 482 41.73 -20.07 -8.81
N VAL A 483 42.34 -19.72 -7.70
CA VAL A 483 43.34 -20.59 -7.07
C VAL A 483 43.06 -20.70 -5.58
N ASP A 484 43.25 -21.90 -5.03
CA ASP A 484 43.17 -22.13 -3.58
C ASP A 484 44.42 -21.48 -2.95
N LEU A 485 44.20 -20.41 -2.17
CA LEU A 485 45.31 -19.65 -1.58
C LEU A 485 46.08 -20.36 -0.47
N SER A 486 45.57 -21.50 0.01
CA SER A 486 46.28 -22.26 1.04
C SER A 486 47.40 -23.10 0.41
N GLY A 487 47.40 -23.21 -0.91
CA GLY A 487 48.31 -24.13 -1.61
C GLY A 487 47.87 -25.58 -1.69
N ALA A 488 46.73 -25.93 -1.09
CA ALA A 488 46.21 -27.31 -1.10
C ALA A 488 45.63 -27.82 -2.43
N GLY A 489 45.47 -26.94 -3.41
CA GLY A 489 45.01 -27.37 -4.74
C GLY A 489 43.52 -27.65 -4.89
N ALA A 490 42.71 -27.25 -3.91
CA ALA A 490 41.26 -27.45 -4.00
C ALA A 490 40.66 -26.41 -4.95
N PRO A 491 39.45 -26.68 -5.50
CA PRO A 491 38.75 -25.63 -6.25
C PRO A 491 38.64 -24.36 -5.41
N SER A 492 38.89 -23.19 -6.01
CA SER A 492 38.67 -21.92 -5.28
C SER A 492 37.14 -21.72 -5.08
N PRO A 493 36.72 -20.79 -4.19
CA PRO A 493 35.29 -20.60 -3.92
C PRO A 493 34.46 -20.20 -5.15
N THR A 494 35.11 -19.63 -6.16
CA THR A 494 34.42 -19.24 -7.39
C THR A 494 34.54 -20.23 -8.55
N ASP A 495 35.34 -21.28 -8.40
CA ASP A 495 35.52 -22.21 -9.51
C ASP A 495 34.37 -23.21 -9.59
N LEU A 496 33.94 -23.52 -10.80
CA LEU A 496 33.12 -24.70 -11.06
C LEU A 496 33.98 -25.76 -11.77
N LEU A 497 33.40 -26.91 -12.08
CA LEU A 497 34.18 -27.98 -12.70
C LEU A 497 34.84 -27.48 -13.99
N HIS A 498 36.13 -27.80 -14.19
CA HIS A 498 36.82 -27.44 -15.44
C HIS A 498 36.17 -28.17 -16.62
N HIS A 499 35.76 -27.39 -17.62
CA HIS A 499 35.24 -27.94 -18.88
C HIS A 499 34.05 -28.91 -18.75
N ALA A 500 33.10 -28.52 -17.88
CA ALA A 500 31.84 -29.23 -17.83
C ALA A 500 31.20 -29.10 -19.20
N ARG A 501 30.47 -30.14 -19.57
CA ARG A 501 29.79 -30.19 -20.84
C ARG A 501 28.28 -30.17 -20.60
N TYR A 502 27.77 -28.97 -20.33
CA TYR A 502 26.35 -28.82 -19.98
C TYR A 502 25.41 -29.28 -21.08
N ASP A 503 25.88 -29.23 -22.34
CA ASP A 503 25.08 -29.70 -23.46
C ASP A 503 24.67 -31.17 -23.29
N LYS A 504 25.51 -31.96 -22.63
CA LYS A 504 25.23 -33.38 -22.41
C LYS A 504 24.07 -33.65 -21.47
N LEU A 505 23.73 -32.65 -20.64
CA LEU A 505 22.55 -32.79 -19.77
C LEU A 505 21.28 -33.12 -20.56
N MET A 506 21.14 -32.56 -21.76
CA MET A 506 19.94 -32.80 -22.54
C MET A 506 19.75 -34.28 -22.92
N ASP A 507 20.83 -35.06 -22.94
CA ASP A 507 20.75 -36.49 -23.32
C ASP A 507 19.82 -37.27 -22.39
N ALA A 508 19.80 -36.90 -21.10
CA ALA A 508 18.88 -37.48 -20.11
C ALA A 508 17.40 -37.36 -20.49
N PHE A 509 17.04 -36.27 -21.21
CA PHE A 509 15.62 -35.97 -21.41
C PHE A 509 15.24 -35.90 -22.89
N ARG A 510 16.11 -36.45 -23.74
CA ARG A 510 15.91 -36.48 -25.20
C ARG A 510 15.83 -35.09 -25.84
N GLY A 511 16.57 -34.15 -25.25
CA GLY A 511 16.72 -32.81 -25.85
C GLY A 511 17.92 -32.83 -26.77
N VAL A 512 18.31 -31.63 -27.23
CA VAL A 512 19.43 -31.44 -28.15
C VAL A 512 20.54 -30.68 -27.44
N GLY A 513 21.79 -31.11 -27.66
CA GLY A 513 22.97 -30.44 -27.11
C GLY A 513 23.99 -30.12 -28.19
N TYR A 514 24.58 -28.93 -28.11
CA TYR A 514 25.71 -28.52 -28.95
C TYR A 514 26.83 -28.01 -28.08
N ASN A 515 28.07 -28.34 -28.43
CA ASN A 515 29.22 -27.77 -27.77
C ASN A 515 29.92 -26.87 -28.77
N VAL A 516 30.21 -25.62 -28.37
CA VAL A 516 30.78 -24.66 -29.34
C VAL A 516 31.99 -23.92 -28.81
N THR A 517 33.02 -23.77 -29.65
CA THR A 517 34.26 -23.14 -29.22
C THR A 517 34.63 -21.92 -30.10
N THR A 518 33.87 -21.71 -31.18
CA THR A 518 34.13 -20.60 -32.13
C THR A 518 32.84 -19.82 -32.42
N THR A 519 32.97 -18.59 -32.91
CA THR A 519 31.77 -17.83 -33.29
C THR A 519 31.00 -18.46 -34.46
N ASP A 520 31.72 -19.05 -35.43
CA ASP A 520 31.01 -19.73 -36.52
C ASP A 520 30.13 -20.89 -35.99
N GLU A 521 30.71 -21.70 -35.11
CA GLU A 521 29.97 -22.81 -34.48
C GLU A 521 28.77 -22.31 -33.68
N LEU A 522 28.99 -21.24 -32.92
CA LEU A 522 27.89 -20.63 -32.10
C LEU A 522 26.77 -20.12 -32.99
N ARG A 523 27.11 -19.37 -34.03
CA ARG A 523 26.10 -18.87 -34.95
C ARG A 523 25.27 -20.01 -35.54
N HIS A 524 25.92 -21.08 -36.01
CA HIS A 524 25.20 -22.22 -36.57
C HIS A 524 24.29 -22.91 -35.55
N ALA A 525 24.86 -23.23 -34.37
CA ALA A 525 24.12 -23.94 -33.34
C ALA A 525 22.88 -23.13 -32.89
N LEU A 526 23.06 -21.81 -32.72
CA LEU A 526 21.96 -20.93 -32.26
C LEU A 526 20.87 -20.80 -33.31
N THR A 527 21.26 -20.63 -34.57
CA THR A 527 20.27 -20.58 -35.66
C THR A 527 19.47 -21.89 -35.72
N THR A 528 20.18 -23.00 -35.66
CA THR A 528 19.53 -24.32 -35.75
C THR A 528 18.60 -24.54 -34.57
N GLY A 529 19.08 -24.19 -33.37
CA GLY A 529 18.28 -24.32 -32.16
C GLY A 529 16.98 -23.56 -32.25
N ILE A 530 17.05 -22.26 -32.58
CA ILE A 530 15.83 -21.45 -32.71
C ILE A 530 14.88 -22.01 -33.77
N GLN A 531 15.37 -22.25 -34.98
CA GLN A 531 14.54 -22.78 -36.07
C GLN A 531 13.92 -24.13 -35.75
N SER A 532 14.65 -24.98 -35.03
CA SER A 532 14.19 -26.34 -34.76
C SER A 532 12.97 -26.36 -33.82
N ARG A 533 12.82 -25.30 -33.01
CA ARG A 533 11.85 -25.27 -31.89
C ARG A 533 12.00 -26.45 -30.89
N LYS A 534 13.15 -27.11 -30.91
CA LYS A 534 13.44 -28.19 -29.97
C LYS A 534 14.15 -27.66 -28.74
N PRO A 535 13.81 -28.19 -27.54
CA PRO A 535 14.61 -27.92 -26.33
C PRO A 535 16.10 -28.19 -26.60
N THR A 536 16.94 -27.16 -26.42
CA THR A 536 18.34 -27.24 -26.81
C THR A 536 19.23 -26.58 -25.77
N ILE A 537 20.38 -27.19 -25.47
CA ILE A 537 21.42 -26.51 -24.71
C ILE A 537 22.64 -26.33 -25.61
N ILE A 538 23.13 -25.08 -25.67
CA ILE A 538 24.42 -24.79 -26.31
C ILE A 538 25.45 -24.45 -25.24
N ASN A 539 26.48 -25.29 -25.15
CA ASN A 539 27.56 -25.06 -24.20
C ASN A 539 28.63 -24.25 -24.93
N VAL A 540 28.82 -23.00 -24.50
CA VAL A 540 29.80 -22.10 -25.13
C VAL A 540 31.06 -22.05 -24.28
N VAL A 541 32.18 -22.50 -24.86
CA VAL A 541 33.47 -22.41 -24.12
C VAL A 541 33.99 -20.98 -24.14
N ILE A 542 33.97 -20.34 -22.97
CA ILE A 542 34.43 -18.97 -22.76
C ILE A 542 35.73 -18.97 -21.99
N ASP A 543 36.68 -18.11 -22.39
CA ASP A 543 37.95 -17.94 -21.70
C ASP A 543 37.70 -17.73 -20.18
N PRO A 544 38.26 -18.60 -19.31
CA PRO A 544 38.06 -18.44 -17.86
C PRO A 544 38.60 -17.15 -17.30
N ALA A 545 39.48 -16.49 -18.05
CA ALA A 545 40.09 -15.24 -17.61
C ALA A 545 39.40 -14.00 -18.20
N ALA A 546 38.41 -14.19 -19.07
CA ALA A 546 37.75 -13.06 -19.74
C ALA A 546 36.92 -12.19 -18.79
N GLY A 547 36.24 -12.81 -17.82
CA GLY A 547 35.31 -12.03 -16.98
C GLY A 547 35.99 -11.14 -15.96
N THR A 548 35.26 -10.14 -15.48
CA THR A 548 35.71 -9.38 -14.31
C THR A 548 34.85 -9.73 -13.10
N GLU A 549 35.42 -9.58 -11.91
CA GLU A 549 34.70 -9.81 -10.67
C GLU A 549 34.22 -8.48 -10.12
N SER A 550 32.92 -8.36 -9.91
CA SER A 550 32.38 -7.23 -9.14
C SER A 550 32.62 -7.43 -7.64
N LEU B 5 34.32 26.96 10.76
CA LEU B 5 33.05 26.38 10.18
C LEU B 5 32.02 26.09 11.28
N GLN B 6 30.80 26.57 11.07
CA GLN B 6 29.72 26.35 12.04
C GLN B 6 29.17 24.92 11.91
N MET B 7 28.98 24.24 13.04
CA MET B 7 28.46 22.86 13.05
C MET B 7 27.02 22.81 13.54
N THR B 8 26.34 21.72 13.22
CA THR B 8 25.02 21.45 13.77
C THR B 8 24.95 19.95 14.11
N ASP B 9 23.81 19.48 14.57
CA ASP B 9 23.67 18.05 14.86
C ASP B 9 22.30 17.55 14.42
N GLY B 10 22.11 16.24 14.48
CA GLY B 10 20.85 15.61 14.04
C GLY B 10 19.63 16.21 14.68
N MET B 11 19.72 16.48 15.98
CA MET B 11 18.59 17.03 16.72
C MET B 11 18.16 18.37 16.11
N HIS B 12 19.14 19.23 15.78
CA HIS B 12 18.84 20.55 15.21
C HIS B 12 18.29 20.41 13.79
N ILE B 13 18.87 19.49 13.04
CA ILE B 13 18.46 19.21 11.66
C ILE B 13 16.98 18.78 11.62
N ILE B 14 16.59 17.81 12.46
CA ILE B 14 15.20 17.31 12.42
C ILE B 14 14.19 18.39 12.84
N VAL B 15 14.54 19.18 13.86
CA VAL B 15 13.67 20.29 14.26
C VAL B 15 13.51 21.28 13.08
N GLU B 16 14.61 21.63 12.43
CA GLU B 16 14.54 22.53 11.27
C GLU B 16 13.69 21.94 10.14
N ALA B 17 13.83 20.63 9.91
CA ALA B 17 12.99 19.95 8.90
C ALA B 17 11.49 20.01 9.25
N LEU B 18 11.16 19.81 10.53
CA LEU B 18 9.77 19.90 10.99
C LEU B 18 9.23 21.33 10.75
N LYS B 19 10.04 22.32 11.13
CA LYS B 19 9.67 23.73 10.92
C LYS B 19 9.39 24.05 9.45
N GLN B 20 10.31 23.67 8.58
CA GLN B 20 10.18 23.95 7.16
C GLN B 20 8.95 23.29 6.56
N ASN B 21 8.53 22.16 7.13
CA ASN B 21 7.30 21.48 6.72
C ASN B 21 6.03 21.89 7.45
N ASN B 22 6.07 23.08 8.05
CA ASN B 22 4.92 23.69 8.73
C ASN B 22 4.31 22.89 9.87
N ILE B 23 5.16 22.13 10.56
CA ILE B 23 4.76 21.50 11.81
C ILE B 23 4.83 22.58 12.87
N ASP B 24 3.70 22.87 13.50
CA ASP B 24 3.70 23.91 14.53
C ASP B 24 3.35 23.38 15.93
N THR B 25 3.04 22.08 16.02
CA THR B 25 2.68 21.46 17.30
C THR B 25 3.28 20.07 17.36
N ILE B 26 3.86 19.73 18.51
CA ILE B 26 4.26 18.33 18.80
C ILE B 26 3.57 17.85 20.08
N TYR B 27 3.00 16.65 20.02
CA TYR B 27 2.33 16.01 21.16
C TYR B 27 3.27 14.91 21.67
N GLY B 28 3.64 14.91 22.94
CA GLY B 28 4.64 13.92 23.36
C GLY B 28 4.73 13.63 24.84
N VAL B 29 5.68 12.75 25.15
CA VAL B 29 6.15 12.55 26.54
C VAL B 29 7.66 12.39 26.38
N VAL B 30 8.42 13.20 27.13
CA VAL B 30 9.87 13.20 26.96
C VAL B 30 10.57 12.20 27.91
N GLY B 31 11.91 12.27 27.87
CA GLY B 31 12.80 11.33 28.52
C GLY B 31 13.94 11.03 27.56
N ILE B 32 14.88 10.19 27.96
CA ILE B 32 16.02 9.87 27.09
C ILE B 32 15.50 9.14 25.85
N PRO B 33 15.99 9.47 24.63
CA PRO B 33 16.97 10.50 24.26
C PRO B 33 16.35 11.76 23.60
N VAL B 34 15.10 12.08 23.94
CA VAL B 34 14.39 13.12 23.18
C VAL B 34 14.04 14.42 23.92
N THR B 35 14.44 14.51 25.19
CA THR B 35 14.08 15.72 25.97
C THR B 35 14.63 16.99 25.34
N ASP B 36 15.91 17.00 25.00
CA ASP B 36 16.53 18.17 24.39
C ASP B 36 15.91 18.53 23.04
N MET B 37 15.51 17.52 22.28
CA MET B 37 14.80 17.77 21.02
C MET B 37 13.51 18.54 21.24
N ALA B 38 12.73 18.14 22.25
CA ALA B 38 11.47 18.83 22.56
C ALA B 38 11.73 20.26 23.06
N ARG B 39 12.75 20.41 23.91
CA ARG B 39 13.13 21.73 24.42
C ARG B 39 13.49 22.65 23.27
N HIS B 40 14.23 22.12 22.30
CA HIS B 40 14.69 22.94 21.20
C HIS B 40 13.56 23.21 20.21
N ALA B 41 12.71 22.22 19.95
CA ALA B 41 11.55 22.46 19.09
C ALA B 41 10.74 23.63 19.64
N GLN B 42 10.50 23.60 20.95
CA GLN B 42 9.77 24.68 21.64
C GLN B 42 10.53 26.01 21.54
N ALA B 43 11.85 25.97 21.67
CA ALA B 43 12.71 27.16 21.51
C ALA B 43 12.51 27.78 20.14
N GLU B 44 12.30 26.92 19.13
CA GLU B 44 12.15 27.31 17.73
C GLU B 44 10.71 27.68 17.35
N GLY B 45 9.82 27.72 18.33
CA GLY B 45 8.44 28.20 18.11
C GLY B 45 7.41 27.13 17.86
N ILE B 46 7.81 25.86 17.92
CA ILE B 46 6.86 24.75 17.84
C ILE B 46 6.18 24.62 19.21
N ARG B 47 4.86 24.50 19.22
CA ARG B 47 4.10 24.32 20.45
C ARG B 47 4.29 22.89 20.93
N TYR B 48 4.81 22.72 22.15
CA TYR B 48 4.93 21.38 22.72
C TYR B 48 3.83 21.10 23.73
N ILE B 49 3.14 19.97 23.55
CA ILE B 49 2.11 19.52 24.46
C ILE B 49 2.57 18.19 25.08
N GLY B 50 2.85 18.21 26.39
CA GLY B 50 3.29 17.01 27.09
C GLY B 50 2.16 16.30 27.81
N PHE B 51 2.09 14.98 27.66
CA PHE B 51 1.01 14.19 28.17
C PHE B 51 1.39 13.38 29.40
N ARG B 52 0.40 12.74 30.01
CA ARG B 52 0.64 11.84 31.14
C ARG B 52 0.94 10.40 30.70
N HIS B 53 0.59 10.09 29.43
CA HIS B 53 0.80 8.76 28.86
C HIS B 53 0.91 8.96 27.32
N GLU B 54 1.81 8.22 26.69
CA GLU B 54 2.02 8.39 25.26
C GLU B 54 0.80 8.03 24.37
N GLN B 55 -0.03 7.10 24.83
CA GLN B 55 -1.21 6.69 24.08
C GLN B 55 -2.08 7.93 23.79
N SER B 56 -2.29 8.76 24.82
CA SER B 56 -3.08 9.98 24.61
C SER B 56 -2.36 10.99 23.71
N ALA B 57 -1.04 11.07 23.79
CA ALA B 57 -0.29 11.93 22.86
C ALA B 57 -0.50 11.50 21.42
N GLY B 58 -0.53 10.17 21.22
CA GLY B 58 -0.68 9.62 19.86
C GLY B 58 -2.10 9.83 19.32
N TYR B 59 -3.09 9.67 20.19
CA TYR B 59 -4.49 9.95 19.85
C TYR B 59 -4.65 11.41 19.49
N ALA B 60 -4.02 12.31 20.26
CA ALA B 60 -4.06 13.74 19.92
C ALA B 60 -3.50 14.03 18.53
N ALA B 61 -2.36 13.42 18.22
CA ALA B 61 -1.73 13.65 16.93
C ALA B 61 -2.63 13.17 15.78
N ALA B 62 -3.25 12.01 15.96
CA ALA B 62 -4.13 11.43 14.94
C ALA B 62 -5.39 12.31 14.75
N ALA B 63 -5.98 12.77 15.86
CA ALA B 63 -7.09 13.74 15.78
C ALA B 63 -6.73 14.95 14.93
N SER B 64 -5.57 15.56 15.21
CA SER B 64 -5.14 16.73 14.46
C SER B 64 -4.98 16.41 12.96
N GLY B 65 -4.49 15.21 12.65
CA GLY B 65 -4.36 14.74 11.26
C GLY B 65 -5.71 14.63 10.56
N PHE B 66 -6.69 14.02 11.23
CA PHE B 66 -8.06 13.90 10.70
C PHE B 66 -8.68 15.27 10.37
N LEU B 67 -8.49 16.22 11.28
CA LEU B 67 -9.04 17.57 11.12
C LEU B 67 -8.39 18.42 10.01
N THR B 68 -7.13 18.15 9.68
CA THR B 68 -6.33 19.08 8.88
C THR B 68 -5.72 18.53 7.59
N GLN B 69 -5.64 17.20 7.46
CA GLN B 69 -4.88 16.55 6.37
C GLN B 69 -3.35 16.79 6.47
N LYS B 70 -2.89 17.30 7.61
CA LYS B 70 -1.46 17.45 7.86
C LYS B 70 -1.16 16.44 8.99
N PRO B 71 -0.12 15.58 8.83
CA PRO B 71 0.08 14.52 9.85
C PRO B 71 0.36 15.14 11.21
N GLY B 72 -0.35 14.66 12.24
CA GLY B 72 -0.06 15.05 13.62
C GLY B 72 1.27 14.41 14.01
N ILE B 73 2.05 15.10 14.84
CA ILE B 73 3.37 14.62 15.26
C ILE B 73 3.33 14.19 16.72
N CYS B 74 3.66 12.91 16.96
CA CYS B 74 3.74 12.36 18.32
C CYS B 74 5.22 12.03 18.60
N LEU B 75 5.74 12.47 19.75
CA LEU B 75 7.15 12.26 20.08
C LEU B 75 7.24 11.38 21.34
N THR B 76 8.05 10.33 21.28
CA THR B 76 8.21 9.44 22.43
C THR B 76 9.68 9.04 22.60
N VAL B 77 9.94 8.45 23.77
CA VAL B 77 11.23 7.84 24.07
C VAL B 77 11.32 6.43 23.45
N SER B 78 12.36 5.70 23.83
CA SER B 78 12.58 4.34 23.36
C SER B 78 11.62 3.33 24.03
N ALA B 79 11.95 2.03 23.94
CA ALA B 79 11.01 0.92 24.18
C ALA B 79 9.72 1.17 25.01
N PRO B 80 9.82 1.46 26.33
CA PRO B 80 8.61 1.54 27.15
C PRO B 80 7.65 2.66 26.65
N GLY B 81 8.19 3.80 26.25
CA GLY B 81 7.39 4.91 25.75
C GLY B 81 6.90 4.64 24.32
N PHE B 82 7.84 4.20 23.49
CA PHE B 82 7.52 3.77 22.14
C PHE B 82 6.31 2.80 22.13
N LEU B 83 6.32 1.78 22.98
CA LEU B 83 5.23 0.77 22.95
C LEU B 83 3.88 1.38 23.30
N ASN B 84 3.87 2.29 24.28
CA ASN B 84 2.63 3.00 24.60
C ASN B 84 2.14 3.82 23.40
N GLY B 85 3.04 4.55 22.75
CA GLY B 85 2.69 5.33 21.53
C GLY B 85 2.25 4.43 20.37
N LEU B 86 2.89 3.27 20.23
CA LEU B 86 2.52 2.32 19.16
C LEU B 86 1.03 1.93 19.16
N THR B 87 0.45 1.75 20.35
CA THR B 87 -0.97 1.38 20.44
C THR B 87 -1.84 2.46 19.76
N ALA B 88 -1.43 3.72 19.89
CA ALA B 88 -2.14 4.84 19.28
C ALA B 88 -1.84 4.91 17.79
N LEU B 89 -0.58 4.64 17.42
CA LEU B 89 -0.21 4.63 16.01
C LEU B 89 -1.05 3.61 15.25
N ALA B 90 -1.24 2.44 15.87
CA ALA B 90 -2.02 1.32 15.31
C ALA B 90 -3.45 1.77 15.03
N ASN B 91 -4.04 2.48 15.99
CA ASN B 91 -5.40 3.00 15.85
C ASN B 91 -5.53 4.03 14.72
N ALA B 92 -4.54 4.91 14.56
CA ALA B 92 -4.52 5.88 13.46
C ALA B 92 -4.53 5.18 12.11
N THR B 93 -3.70 4.16 11.97
CA THR B 93 -3.66 3.39 10.72
C THR B 93 -5.00 2.69 10.40
N VAL B 94 -5.61 2.08 11.40
CA VAL B 94 -6.89 1.38 11.23
C VAL B 94 -7.97 2.36 10.80
N ASN B 95 -7.96 3.54 11.40
CA ASN B 95 -8.97 4.57 11.10
C ASN B 95 -8.72 5.40 9.86
N GLY B 96 -7.50 5.42 9.37
CA GLY B 96 -7.18 6.25 8.22
C GLY B 96 -6.87 7.71 8.56
N PHE B 97 -6.25 7.93 9.73
CA PHE B 97 -5.86 9.30 10.16
C PHE B 97 -4.34 9.47 10.03
N PRO B 98 -3.88 10.55 9.38
CA PRO B 98 -2.43 10.70 9.16
C PRO B 98 -1.70 11.17 10.41
N MET B 99 -0.60 10.52 10.73
CA MET B 99 0.23 10.97 11.84
C MET B 99 1.61 10.36 11.67
N ILE B 100 2.60 10.98 12.30
CA ILE B 100 3.95 10.42 12.34
C ILE B 100 4.30 10.33 13.83
N MET B 101 4.60 9.12 14.31
CA MET B 101 5.22 8.97 15.62
C MET B 101 6.72 8.95 15.46
N ILE B 102 7.38 9.92 16.11
CA ILE B 102 8.84 10.02 16.09
C ILE B 102 9.27 9.49 17.47
N SER B 103 10.09 8.44 17.49
CA SER B 103 10.61 7.90 18.76
C SER B 103 12.14 7.85 18.73
N GLY B 104 12.76 8.19 19.85
CA GLY B 104 14.17 7.90 20.04
C GLY B 104 14.33 6.40 20.16
N SER B 105 15.50 5.89 19.78
CA SER B 105 15.82 4.49 20.06
C SER B 105 17.26 4.45 20.56
N SER B 106 17.69 3.26 20.95
CA SER B 106 18.96 3.09 21.61
C SER B 106 20.11 2.80 20.62
N ASP B 107 21.12 2.05 21.05
CA ASP B 107 22.35 1.87 20.31
C ASP B 107 22.15 0.72 19.33
N ARG B 108 22.20 1.01 18.02
CA ARG B 108 21.88 -0.01 16.98
C ARG B 108 22.79 -1.23 17.12
N ALA B 109 24.06 -1.02 17.48
CA ALA B 109 25.00 -2.15 17.60
C ALA B 109 24.60 -3.09 18.74
N ILE B 110 24.23 -2.50 19.87
CA ILE B 110 23.90 -3.30 21.05
C ILE B 110 22.53 -4.00 20.86
N VAL B 111 21.57 -3.28 20.31
CA VAL B 111 20.23 -3.84 20.07
C VAL B 111 20.28 -4.96 19.01
N ASP B 112 21.05 -4.75 17.95
CA ASP B 112 21.20 -5.76 16.89
C ASP B 112 21.83 -7.07 17.40
N LEU B 113 22.60 -6.99 18.49
CA LEU B 113 23.18 -8.19 19.14
C LEU B 113 22.39 -8.71 20.35
N GLN B 114 21.26 -8.05 20.65
CA GLN B 114 20.37 -8.40 21.78
C GLN B 114 21.15 -8.57 23.07
N GLN B 115 22.01 -7.60 23.35
CA GLN B 115 22.88 -7.70 24.51
C GLN B 115 22.27 -7.08 25.76
N GLY B 116 21.06 -6.52 25.64
CA GLY B 116 20.38 -5.91 26.80
C GLY B 116 20.71 -4.43 26.94
N ASP B 117 20.61 -3.70 25.84
CA ASP B 117 20.78 -2.24 25.86
C ASP B 117 19.71 -1.59 26.74
N TYR B 118 19.98 -0.35 27.15
CA TYR B 118 18.98 0.53 27.71
C TYR B 118 17.78 0.53 26.75
N GLU B 119 16.60 0.26 27.30
CA GLU B 119 15.32 0.29 26.55
C GLU B 119 15.45 -0.39 25.19
N GLU B 120 15.92 -1.63 25.22
CA GLU B 120 16.25 -2.34 23.99
C GLU B 120 14.98 -2.86 23.31
N LEU B 121 14.80 -2.48 22.05
CA LEU B 121 13.79 -3.08 21.17
C LEU B 121 14.13 -2.67 19.74
N ASP B 122 13.94 -3.58 18.77
CA ASP B 122 13.99 -3.17 17.35
C ASP B 122 12.65 -2.48 17.10
N GLN B 123 12.63 -1.17 17.32
CA GLN B 123 11.37 -0.40 17.27
C GLN B 123 10.85 -0.29 15.86
N MET B 124 11.76 -0.20 14.89
CA MET B 124 11.34 -0.06 13.52
C MET B 124 10.52 -1.30 13.12
N ASN B 125 11.07 -2.48 13.38
CA ASN B 125 10.37 -3.69 13.04
C ASN B 125 9.10 -3.92 13.87
N ALA B 126 9.13 -3.50 15.13
CA ALA B 126 7.97 -3.57 16.03
C ALA B 126 6.76 -2.76 15.51
N ALA B 127 7.06 -1.64 14.86
CA ALA B 127 6.00 -0.72 14.39
C ALA B 127 5.42 -1.15 13.06
N LYS B 128 6.17 -1.95 12.30
CA LYS B 128 5.78 -2.31 10.90
C LYS B 128 4.36 -2.84 10.70
N PRO B 129 3.89 -3.77 11.56
CA PRO B 129 2.53 -4.29 11.38
C PRO B 129 1.43 -3.26 11.57
N TYR B 130 1.75 -2.12 12.19
CA TYR B 130 0.75 -1.12 12.63
C TYR B 130 0.86 0.22 11.90
N ALA B 131 1.78 0.32 10.97
CA ALA B 131 2.07 1.57 10.31
C ALA B 131 2.04 1.39 8.82
N LYS B 132 1.79 2.47 8.09
CA LYS B 132 1.90 2.45 6.63
C LYS B 132 3.36 2.22 6.21
N ALA B 133 4.29 2.73 7.01
CA ALA B 133 5.72 2.50 6.80
C ALA B 133 6.43 2.79 8.11
N ALA B 134 7.57 2.15 8.31
CA ALA B 134 8.42 2.40 9.46
C ALA B 134 9.85 2.63 8.93
N PHE B 135 10.39 3.81 9.23
CA PHE B 135 11.70 4.25 8.71
C PHE B 135 12.63 4.47 9.90
N ARG B 136 13.92 4.22 9.72
CA ARG B 136 14.91 4.44 10.78
C ARG B 136 16.08 5.19 10.16
N VAL B 137 16.53 6.25 10.84
CA VAL B 137 17.53 7.16 10.28
C VAL B 137 18.86 7.03 11.01
N ASN B 138 19.88 6.56 10.32
CA ASN B 138 21.19 6.36 10.93
C ASN B 138 22.17 7.52 10.73
N GLN B 139 21.97 8.30 9.66
CA GLN B 139 22.89 9.37 9.27
C GLN B 139 22.16 10.71 9.31
N PRO B 140 22.77 11.75 9.93
CA PRO B 140 22.04 13.02 10.04
C PRO B 140 21.69 13.67 8.70
N GLN B 141 22.51 13.43 7.68
CA GLN B 141 22.24 13.99 6.35
C GLN B 141 21.02 13.37 5.66
N ASP B 142 20.48 12.30 6.25
CA ASP B 142 19.28 11.62 5.71
C ASP B 142 18.00 12.00 6.47
N LEU B 143 18.13 12.82 7.51
CA LEU B 143 16.96 13.21 8.29
C LEU B 143 15.90 13.96 7.46
N GLY B 144 16.34 14.84 6.56
CA GLY B 144 15.40 15.62 5.76
C GLY B 144 14.61 14.74 4.80
N ILE B 145 15.31 13.85 4.11
CA ILE B 145 14.63 12.98 3.14
C ILE B 145 13.72 11.98 3.89
N ALA B 146 14.19 11.46 5.02
CA ALA B 146 13.37 10.59 5.89
C ALA B 146 12.07 11.26 6.32
N LEU B 147 12.13 12.53 6.74
CA LEU B 147 10.89 13.24 7.13
C LEU B 147 9.97 13.46 5.91
N ALA B 148 10.58 13.77 4.77
CA ALA B 148 9.83 13.94 3.53
C ALA B 148 9.06 12.65 3.18
N ARG B 149 9.74 11.51 3.26
CA ARG B 149 9.08 10.19 3.09
C ARG B 149 7.93 10.00 4.09
N ALA B 150 8.21 10.23 5.37
CA ALA B 150 7.23 10.04 6.42
C ALA B 150 5.98 10.88 6.14
N ILE B 151 6.17 12.13 5.75
CA ILE B 151 5.01 13.01 5.44
C ILE B 151 4.22 12.46 4.25
N ARG B 152 4.90 12.20 3.16
CA ARG B 152 4.21 11.70 1.97
C ARG B 152 3.48 10.40 2.22
N VAL B 153 4.12 9.47 2.92
CA VAL B 153 3.49 8.19 3.15
C VAL B 153 2.24 8.38 4.03
N SER B 154 2.37 9.20 5.06
CA SER B 154 1.29 9.34 6.05
C SER B 154 -0.03 9.87 5.44
N VAL B 155 0.06 10.76 4.45
CA VAL B 155 -1.13 11.42 3.89
C VAL B 155 -1.62 10.90 2.55
N SER B 156 -0.84 10.02 1.92
CA SER B 156 -1.25 9.48 0.62
C SER B 156 -2.03 8.18 0.78
N GLY B 157 -2.64 7.68 -0.30
CA GLY B 157 -3.52 6.52 -0.22
C GLY B 157 -4.59 6.74 0.81
N ARG B 158 -4.97 5.68 1.53
CA ARG B 158 -5.74 5.87 2.75
C ARG B 158 -4.68 6.33 3.76
N PRO B 159 -4.89 7.53 4.35
CA PRO B 159 -3.86 8.04 5.29
C PRO B 159 -3.69 7.14 6.50
N GLY B 160 -2.59 7.30 7.23
CA GLY B 160 -2.38 6.46 8.39
C GLY B 160 -1.12 6.85 9.14
N GLY B 161 -0.76 6.01 10.10
CA GLY B 161 0.43 6.28 10.90
C GLY B 161 1.73 5.85 10.23
N VAL B 162 2.76 6.65 10.43
CA VAL B 162 4.11 6.30 9.96
C VAL B 162 4.99 6.39 11.18
N TYR B 163 5.90 5.41 11.31
CA TYR B 163 6.86 5.45 12.41
C TYR B 163 8.21 5.94 11.90
N LEU B 164 8.80 6.93 12.59
CA LEU B 164 10.12 7.47 12.26
C LEU B 164 11.05 7.30 13.48
N ASP B 165 12.02 6.42 13.33
CA ASP B 165 12.90 6.01 14.42
C ASP B 165 14.20 6.83 14.34
N LEU B 166 14.55 7.48 15.44
CA LEU B 166 15.77 8.30 15.52
C LEU B 166 16.66 7.75 16.64
N PRO B 167 17.64 6.90 16.29
CA PRO B 167 18.61 6.37 17.25
C PRO B 167 19.30 7.55 17.96
N ALA B 168 19.55 7.40 19.26
CA ALA B 168 20.19 8.47 20.04
C ALA B 168 21.41 9.04 19.32
N ASN B 169 22.20 8.17 18.69
CA ASN B 169 23.40 8.57 17.97
C ASN B 169 23.18 9.51 16.78
N VAL B 170 22.05 9.39 16.10
CA VAL B 170 21.74 10.31 14.99
C VAL B 170 21.43 11.72 15.49
N LEU B 171 20.83 11.81 16.67
CA LEU B 171 20.48 13.09 17.29
C LEU B 171 21.74 13.84 17.72
N ALA B 172 22.74 13.08 18.14
CA ALA B 172 24.03 13.63 18.57
C ALA B 172 25.00 13.87 17.39
N ALA B 173 24.82 13.15 16.28
CA ALA B 173 25.75 13.21 15.15
C ALA B 173 25.81 14.60 14.53
N THR B 174 27.02 15.05 14.20
CA THR B 174 27.23 16.42 13.78
C THR B 174 27.50 16.50 12.29
N MET B 175 27.17 17.63 11.70
CA MET B 175 27.68 17.94 10.37
C MET B 175 27.79 19.45 10.21
N GLU B 176 28.46 19.87 9.16
CA GLU B 176 28.63 21.30 8.87
C GLU B 176 27.23 21.90 8.66
N LYS B 177 26.97 23.07 9.26
CA LYS B 177 25.65 23.69 9.24
C LYS B 177 25.11 24.02 7.83
N ASP B 178 25.92 24.66 6.99
CA ASP B 178 25.49 24.98 5.63
C ASP B 178 25.14 23.75 4.81
N GLU B 179 25.99 22.73 4.86
CA GLU B 179 25.73 21.47 4.15
C GLU B 179 24.43 20.82 4.69
N ALA B 180 24.29 20.81 6.01
CA ALA B 180 23.09 20.27 6.66
C ALA B 180 21.81 20.93 6.12
N LEU B 181 21.82 22.26 6.00
CA LEU B 181 20.67 22.96 5.44
C LEU B 181 20.29 22.53 4.03
N THR B 182 21.28 22.12 3.23
CA THR B 182 20.99 21.66 1.87
C THR B 182 20.33 20.27 1.86
N THR B 183 20.30 19.61 3.02
CA THR B 183 19.74 18.25 3.08
C THR B 183 18.29 18.26 3.60
N ILE B 184 17.79 19.44 3.93
CA ILE B 184 16.42 19.54 4.43
C ILE B 184 15.46 19.62 3.23
N VAL B 185 14.33 18.93 3.34
CA VAL B 185 13.38 18.81 2.23
C VAL B 185 12.01 19.35 2.63
N LYS B 186 11.55 20.39 1.93
CA LYS B 186 10.20 20.89 2.13
C LYS B 186 9.29 20.25 1.09
N VAL B 187 8.33 19.48 1.57
CA VAL B 187 7.43 18.76 0.69
C VAL B 187 6.30 19.68 0.21
N GLU B 188 6.17 19.85 -1.10
CA GLU B 188 5.06 20.59 -1.66
C GLU B 188 4.02 19.57 -2.14
N ASN B 189 2.77 19.78 -1.79
CA ASN B 189 1.69 18.90 -2.24
C ASN B 189 1.94 17.40 -1.91
N PRO B 190 2.01 17.06 -0.60
CA PRO B 190 2.37 15.68 -0.23
C PRO B 190 1.38 14.62 -0.65
N SER B 191 0.09 14.96 -0.83
CA SER B 191 -0.89 14.00 -1.38
C SER B 191 -1.50 14.51 -2.68
N PRO B 192 -0.84 14.24 -3.81
CA PRO B 192 -1.41 14.77 -5.05
C PRO B 192 -2.77 14.10 -5.38
N ALA B 193 -3.61 14.86 -6.07
CA ALA B 193 -4.87 14.36 -6.60
C ALA B 193 -4.70 13.11 -7.47
N LEU B 194 -5.60 12.16 -7.31
CA LEU B 194 -5.67 11.00 -8.20
C LEU B 194 -7.10 10.88 -8.73
N LEU B 195 -7.25 11.09 -10.04
CA LEU B 195 -8.58 11.23 -10.63
C LEU B 195 -9.04 9.85 -11.10
N PRO B 196 -10.36 9.56 -10.94
CA PRO B 196 -10.89 8.27 -11.34
C PRO B 196 -10.98 8.10 -12.87
N CYS B 197 -10.98 6.85 -13.31
CA CYS B 197 -11.30 6.50 -14.68
C CYS B 197 -12.63 7.17 -15.11
N PRO B 198 -12.63 7.98 -16.19
CA PRO B 198 -13.87 8.65 -16.61
C PRO B 198 -15.03 7.67 -16.87
N LYS B 199 -14.71 6.49 -17.39
CA LYS B 199 -15.74 5.48 -17.67
C LYS B 199 -16.45 4.98 -16.40
N SER B 200 -15.69 4.84 -15.31
CA SER B 200 -16.26 4.45 -14.03
C SER B 200 -17.23 5.53 -13.52
N VAL B 201 -16.85 6.81 -13.69
CA VAL B 201 -17.73 7.92 -13.33
C VAL B 201 -19.06 7.86 -14.15
N THR B 202 -18.96 7.71 -15.47
CA THR B 202 -20.17 7.62 -16.30
C THR B 202 -21.01 6.41 -15.89
N SER B 203 -20.36 5.27 -15.62
CA SER B 203 -21.10 4.07 -15.16
C SER B 203 -21.82 4.30 -13.84
N ALA B 204 -21.18 5.02 -12.92
CA ALA B 204 -21.76 5.28 -11.61
C ALA B 204 -23.05 6.10 -11.75
N ILE B 205 -22.96 7.19 -12.52
CA ILE B 205 -24.12 8.09 -12.71
C ILE B 205 -25.27 7.32 -13.39
N SER B 206 -24.91 6.52 -14.39
CA SER B 206 -25.87 5.72 -15.14
C SER B 206 -26.66 4.75 -14.23
N LEU B 207 -25.94 4.05 -13.35
CA LEU B 207 -26.55 3.15 -12.39
C LEU B 207 -27.45 3.86 -11.36
N LEU B 208 -27.01 5.01 -10.88
CA LEU B 208 -27.81 5.82 -9.97
C LEU B 208 -29.10 6.30 -10.62
N ALA B 209 -28.99 6.66 -11.90
CA ALA B 209 -30.13 7.20 -12.63
C ALA B 209 -31.20 6.11 -12.88
N LYS B 210 -30.77 4.85 -12.96
CA LYS B 210 -31.68 3.71 -13.15
C LYS B 210 -32.21 3.16 -11.81
N ALA B 211 -31.65 3.59 -10.69
CA ALA B 211 -32.03 3.07 -9.36
C ALA B 211 -33.46 3.48 -8.93
N GLU B 212 -34.22 2.51 -8.40
CA GLU B 212 -35.53 2.82 -7.81
C GLU B 212 -35.37 3.35 -6.41
N ARG B 213 -34.33 2.89 -5.70
CA ARG B 213 -34.17 3.25 -4.30
C ARG B 213 -32.69 3.51 -3.95
N PRO B 214 -32.12 4.59 -4.49
CA PRO B 214 -30.69 4.85 -4.29
C PRO B 214 -30.40 5.40 -2.89
N LEU B 215 -29.22 5.08 -2.38
CA LEU B 215 -28.80 5.56 -1.07
C LEU B 215 -27.30 5.86 -1.13
N ILE B 216 -26.90 7.01 -0.62
CA ILE B 216 -25.47 7.31 -0.41
C ILE B 216 -25.10 7.06 1.04
N ILE B 217 -23.95 6.44 1.25
CA ILE B 217 -23.44 6.32 2.63
C ILE B 217 -22.14 7.11 2.71
N LEU B 218 -22.08 8.04 3.65
CA LEU B 218 -20.90 8.88 3.84
C LEU B 218 -20.08 8.34 5.00
N GLY B 219 -18.83 7.94 4.73
CA GLY B 219 -17.97 7.40 5.77
C GLY B 219 -16.91 8.40 6.22
N LYS B 220 -15.98 7.95 7.07
CA LYS B 220 -14.91 8.85 7.55
C LYS B 220 -14.05 9.40 6.43
N GLY B 221 -13.89 8.60 5.37
CA GLY B 221 -13.13 9.03 4.18
C GLY B 221 -13.77 10.25 3.54
N ALA B 222 -15.10 10.26 3.48
CA ALA B 222 -15.84 11.41 2.93
C ALA B 222 -15.57 12.65 3.79
N ALA B 223 -15.62 12.48 5.12
CA ALA B 223 -15.38 13.58 6.03
C ALA B 223 -13.95 14.11 5.89
N TYR B 224 -12.98 13.18 5.88
CA TYR B 224 -11.57 13.56 5.76
C TYR B 224 -11.29 14.36 4.48
N SER B 225 -11.94 14.00 3.37
CA SER B 225 -11.69 14.59 2.06
C SER B 225 -11.91 16.12 2.00
N GLN B 226 -12.74 16.65 2.89
CA GLN B 226 -13.13 18.07 2.89
C GLN B 226 -13.87 18.49 1.62
N ALA B 227 -14.45 17.52 0.92
CA ALA B 227 -15.27 17.79 -0.27
C ALA B 227 -16.71 18.12 0.14
N ASP B 228 -16.87 18.94 1.19
CA ASP B 228 -18.19 19.21 1.80
C ASP B 228 -19.18 19.80 0.81
N GLU B 229 -18.74 20.82 0.08
CA GLU B 229 -19.69 21.52 -0.81
C GLU B 229 -20.07 20.67 -2.01
N GLN B 230 -19.12 19.87 -2.51
CA GLN B 230 -19.40 18.94 -3.62
C GLN B 230 -20.38 17.84 -3.22
N LEU B 231 -20.18 17.28 -2.02
CA LEU B 231 -21.08 16.26 -1.53
C LEU B 231 -22.51 16.80 -1.36
N ARG B 232 -22.63 17.98 -0.77
CA ARG B 232 -23.94 18.61 -0.57
C ARG B 232 -24.62 18.88 -1.91
N GLU B 233 -23.89 19.44 -2.85
CA GLU B 233 -24.45 19.76 -4.18
C GLU B 233 -24.93 18.52 -4.91
N PHE B 234 -24.14 17.44 -4.83
CA PHE B 234 -24.50 16.21 -5.50
C PHE B 234 -25.78 15.60 -4.89
N ILE B 235 -25.81 15.48 -3.56
CA ILE B 235 -26.94 14.94 -2.82
C ILE B 235 -28.22 15.76 -3.10
N GLU B 236 -28.08 17.07 -3.03
CA GLU B 236 -29.21 17.96 -3.20
C GLU B 236 -29.69 18.00 -4.66
N SER B 237 -28.77 17.94 -5.62
CA SER B 237 -29.13 17.94 -7.06
C SER B 237 -30.02 16.79 -7.48
N ALA B 238 -29.63 15.57 -7.10
CA ALA B 238 -30.38 14.38 -7.45
C ALA B 238 -31.34 13.93 -6.34
N GLN B 239 -31.40 14.70 -5.26
CA GLN B 239 -32.26 14.39 -4.09
C GLN B 239 -32.06 12.96 -3.57
N ILE B 240 -30.78 12.60 -3.36
CA ILE B 240 -30.44 11.22 -2.96
C ILE B 240 -30.38 11.13 -1.43
N PRO B 241 -31.18 10.24 -0.83
CA PRO B 241 -31.10 10.01 0.60
C PRO B 241 -29.70 9.56 0.96
N PHE B 242 -29.22 10.02 2.10
CA PHE B 242 -27.88 9.66 2.58
C PHE B 242 -27.89 9.19 4.04
N LEU B 243 -26.94 8.31 4.36
CA LEU B 243 -26.68 7.90 5.75
C LEU B 243 -25.28 8.39 6.15
N PRO B 244 -25.20 9.28 7.16
CA PRO B 244 -23.88 9.64 7.68
C PRO B 244 -23.40 8.62 8.71
N MET B 245 -22.22 8.07 8.48
CA MET B 245 -21.60 7.24 9.52
C MET B 245 -21.09 8.19 10.57
N SER B 246 -20.74 7.65 11.75
CA SER B 246 -20.46 8.47 12.91
C SER B 246 -19.65 9.74 12.65
N MET B 247 -18.44 9.61 12.14
CA MET B 247 -17.59 10.79 12.02
C MET B 247 -17.81 11.57 10.72
N ALA B 248 -18.78 11.10 9.92
CA ALA B 248 -19.28 11.87 8.76
C ALA B 248 -20.53 12.69 9.10
N LYS B 249 -21.06 12.52 10.31
CA LYS B 249 -22.14 13.40 10.78
C LYS B 249 -21.69 14.85 10.65
N GLY B 250 -22.56 15.71 10.13
CA GLY B 250 -22.22 17.12 10.00
C GLY B 250 -21.68 17.59 8.66
N ILE B 251 -21.27 16.67 7.77
CA ILE B 251 -20.85 17.08 6.43
C ILE B 251 -22.02 17.88 5.83
N LEU B 252 -23.20 17.27 5.80
CA LEU B 252 -24.49 17.96 5.75
C LEU B 252 -25.04 17.94 7.16
N GLU B 253 -25.72 18.99 7.59
CA GLU B 253 -26.22 19.01 8.96
C GLU B 253 -27.09 17.78 9.17
N ASP B 254 -27.06 17.22 10.38
CA ASP B 254 -27.79 15.98 10.66
C ASP B 254 -29.31 16.15 10.55
N THR B 255 -29.79 17.39 10.67
CA THR B 255 -31.22 17.66 10.48
C THR B 255 -31.61 17.82 9.01
N HIS B 256 -30.67 17.62 8.09
CA HIS B 256 -30.96 17.73 6.66
C HIS B 256 -32.15 16.85 6.25
N PRO B 257 -33.07 17.38 5.40
CA PRO B 257 -34.24 16.62 4.95
C PRO B 257 -33.90 15.26 4.33
N LEU B 258 -32.74 15.14 3.70
CA LEU B 258 -32.41 13.91 3.00
C LEU B 258 -31.67 12.86 3.85
N SER B 259 -31.38 13.19 5.11
CA SER B 259 -30.73 12.22 6.00
C SER B 259 -31.65 11.07 6.37
N ALA B 260 -31.20 9.86 6.07
CA ALA B 260 -31.95 8.66 6.43
C ALA B 260 -31.48 8.01 7.75
N ALA B 261 -30.74 8.78 8.56
CA ALA B 261 -30.20 8.29 9.85
C ALA B 261 -31.27 7.68 10.75
N ALA B 262 -32.46 8.29 10.75
CA ALA B 262 -33.58 7.81 11.61
C ALA B 262 -34.38 6.68 11.00
N ALA B 263 -33.98 6.21 9.83
CA ALA B 263 -34.55 4.99 9.27
C ALA B 263 -33.44 4.10 8.71
N ARG B 264 -32.38 3.96 9.48
CA ARG B 264 -31.19 3.28 9.00
C ARG B 264 -31.45 1.83 8.58
N SER B 265 -32.13 1.05 9.41
CA SER B 265 -32.37 -0.36 9.08
C SER B 265 -33.23 -0.52 7.85
N PHE B 266 -34.30 0.27 7.77
CA PHE B 266 -35.15 0.24 6.58
C PHE B 266 -34.38 0.59 5.30
N ALA B 267 -33.55 1.62 5.38
CA ALA B 267 -32.77 2.09 4.22
C ALA B 267 -31.82 1.02 3.70
N LEU B 268 -31.06 0.39 4.61
CA LEU B 268 -30.14 -0.69 4.18
C LEU B 268 -30.88 -1.92 3.68
N ALA B 269 -32.01 -2.25 4.32
CA ALA B 269 -32.79 -3.42 3.91
C ALA B 269 -33.41 -3.27 2.53
N ASN B 270 -33.62 -2.02 2.11
CA ASN B 270 -34.43 -1.72 0.91
C ASN B 270 -33.74 -1.02 -0.26
N ALA B 271 -32.64 -0.33 -0.01
CA ALA B 271 -31.93 0.32 -1.12
C ALA B 271 -31.58 -0.71 -2.22
N ASP B 272 -31.68 -0.33 -3.48
CA ASP B 272 -31.24 -1.22 -4.56
C ASP B 272 -29.85 -0.89 -5.10
N VAL B 273 -29.49 0.39 -5.02
CA VAL B 273 -28.17 0.88 -5.43
C VAL B 273 -27.61 1.75 -4.31
N VAL B 274 -26.41 1.39 -3.83
CA VAL B 274 -25.82 2.07 -2.69
C VAL B 274 -24.45 2.60 -3.07
N MET B 275 -24.27 3.90 -2.85
CA MET B 275 -23.03 4.58 -3.23
C MET B 275 -22.26 4.85 -1.95
N LEU B 276 -21.19 4.06 -1.75
CA LEU B 276 -20.31 4.21 -0.60
C LEU B 276 -19.29 5.29 -0.93
N VAL B 277 -19.20 6.30 -0.07
CA VAL B 277 -18.26 7.40 -0.27
C VAL B 277 -17.29 7.40 0.91
N GLY B 278 -16.08 6.88 0.69
CA GLY B 278 -15.10 6.76 1.78
C GLY B 278 -15.66 6.02 2.98
N ALA B 279 -16.31 4.90 2.70
CA ALA B 279 -16.97 4.04 3.69
C ALA B 279 -16.74 2.57 3.33
N ARG B 280 -16.06 1.84 4.21
CA ARG B 280 -15.79 0.42 3.97
C ARG B 280 -16.99 -0.44 4.37
N LEU B 281 -17.23 -1.51 3.63
CA LEU B 281 -18.20 -2.53 4.02
C LEU B 281 -17.62 -3.44 5.11
N ASN B 282 -17.18 -2.82 6.20
CA ASN B 282 -16.71 -3.58 7.35
C ASN B 282 -17.83 -3.88 8.33
N TRP B 283 -17.48 -4.30 9.55
CA TRP B 283 -18.47 -4.64 10.57
C TRP B 283 -19.49 -3.52 10.90
N LEU B 284 -19.09 -2.27 10.75
CA LEU B 284 -19.96 -1.12 11.02
C LEU B 284 -21.17 -1.05 10.07
N LEU B 285 -21.01 -1.69 8.90
CA LEU B 285 -22.07 -1.84 7.90
C LEU B 285 -22.46 -3.31 7.72
N ALA B 286 -22.16 -4.12 8.74
CA ALA B 286 -22.49 -5.54 8.74
C ALA B 286 -22.00 -6.26 7.46
N HIS B 287 -20.93 -5.75 6.86
CA HIS B 287 -20.28 -6.39 5.72
C HIS B 287 -21.19 -6.46 4.46
N GLY B 288 -22.19 -5.58 4.38
CA GLY B 288 -23.19 -5.63 3.30
C GLY B 288 -24.04 -6.90 3.26
N LYS B 289 -24.12 -7.60 4.38
CA LYS B 289 -24.79 -8.88 4.44
C LYS B 289 -26.06 -8.78 5.27
N LYS B 290 -25.94 -9.07 6.57
CA LYS B 290 -27.11 -9.07 7.46
C LYS B 290 -27.76 -7.68 7.46
N GLY B 291 -29.08 -7.66 7.22
CA GLY B 291 -29.82 -6.39 7.23
C GLY B 291 -29.87 -5.69 5.88
N TRP B 292 -29.22 -6.26 4.87
CA TRP B 292 -29.18 -5.63 3.55
C TRP B 292 -30.04 -6.41 2.57
N ALA B 293 -30.53 -5.74 1.52
CA ALA B 293 -31.20 -6.42 0.39
C ALA B 293 -30.26 -7.50 -0.18
N ALA B 294 -30.84 -8.59 -0.69
CA ALA B 294 -30.04 -9.69 -1.19
C ALA B 294 -29.16 -9.32 -2.40
N ASP B 295 -29.60 -8.33 -3.16
CA ASP B 295 -28.95 -8.02 -4.43
C ASP B 295 -28.68 -6.53 -4.59
N THR B 296 -28.33 -5.87 -3.50
CA THR B 296 -27.83 -4.50 -3.56
C THR B 296 -26.71 -4.41 -4.62
N GLN B 297 -26.72 -3.33 -5.40
CA GLN B 297 -25.59 -3.05 -6.27
C GLN B 297 -24.85 -1.87 -5.70
N PHE B 298 -23.51 -1.97 -5.69
CA PHE B 298 -22.69 -0.99 -5.04
C PHE B 298 -21.90 -0.16 -6.03
N ILE B 299 -21.89 1.14 -5.78
CA ILE B 299 -20.89 2.06 -6.31
C ILE B 299 -19.97 2.35 -5.12
N GLN B 300 -18.65 2.31 -5.31
CA GLN B 300 -17.75 2.62 -4.22
C GLN B 300 -16.67 3.60 -4.60
N LEU B 301 -16.75 4.80 -4.00
CA LEU B 301 -15.70 5.79 -4.10
C LEU B 301 -14.71 5.52 -2.98
N ASP B 302 -13.51 5.07 -3.36
CA ASP B 302 -12.43 4.85 -2.40
C ASP B 302 -11.10 5.12 -3.08
N ILE B 303 -10.14 5.62 -2.32
CA ILE B 303 -8.80 5.89 -2.85
C ILE B 303 -7.99 4.58 -2.97
N GLU B 304 -8.41 3.55 -2.24
CA GLU B 304 -7.62 2.32 -2.16
C GLU B 304 -8.21 1.20 -3.02
N PRO B 305 -7.60 0.91 -4.18
CA PRO B 305 -8.11 -0.20 -5.00
C PRO B 305 -8.08 -1.54 -4.28
N GLN B 306 -7.19 -1.69 -3.29
CA GLN B 306 -7.14 -2.93 -2.49
C GLN B 306 -8.40 -3.19 -1.64
N GLU B 307 -9.20 -2.14 -1.41
CA GLU B 307 -10.46 -2.27 -0.65
C GLU B 307 -11.67 -2.80 -1.47
N ILE B 308 -11.62 -2.65 -2.79
CA ILE B 308 -12.72 -3.07 -3.66
C ILE B 308 -12.87 -4.59 -3.63
N ASP B 309 -14.11 -5.08 -3.50
CA ASP B 309 -14.41 -6.51 -3.45
C ASP B 309 -13.85 -7.19 -2.19
N SER B 310 -13.66 -6.42 -1.13
CA SER B 310 -13.21 -6.98 0.14
C SER B 310 -14.30 -7.84 0.79
N ASN B 311 -15.56 -7.47 0.58
CA ASN B 311 -16.69 -8.09 1.27
C ASN B 311 -17.82 -8.51 0.33
N ARG B 312 -18.38 -7.55 -0.39
CA ARG B 312 -19.40 -7.85 -1.43
C ARG B 312 -18.82 -7.43 -2.77
N PRO B 313 -19.19 -8.14 -3.85
CA PRO B 313 -18.76 -7.67 -5.18
C PRO B 313 -19.27 -6.25 -5.40
N ILE B 314 -18.41 -5.39 -5.96
CA ILE B 314 -18.73 -3.99 -6.21
C ILE B 314 -18.96 -3.80 -7.71
N ALA B 315 -20.19 -3.43 -8.07
CA ALA B 315 -20.57 -3.24 -9.48
C ALA B 315 -19.79 -2.11 -10.15
N VAL B 316 -19.65 -0.98 -9.45
CA VAL B 316 -18.99 0.18 -10.02
C VAL B 316 -17.98 0.76 -9.04
N PRO B 317 -16.76 0.23 -9.05
CA PRO B 317 -15.67 0.91 -8.33
C PRO B 317 -15.40 2.29 -8.95
N VAL B 318 -15.20 3.28 -8.10
CA VAL B 318 -14.76 4.61 -8.55
C VAL B 318 -13.54 4.94 -7.72
N VAL B 319 -12.39 4.52 -8.24
CA VAL B 319 -11.12 4.57 -7.51
C VAL B 319 -10.38 5.88 -7.77
N GLY B 320 -10.01 6.59 -6.71
CA GLY B 320 -9.38 7.90 -6.80
C GLY B 320 -9.62 8.64 -5.49
N ASP B 321 -9.01 9.81 -5.35
CA ASP B 321 -9.24 10.57 -4.10
C ASP B 321 -10.65 11.14 -4.12
N ILE B 322 -11.29 11.20 -2.95
CA ILE B 322 -12.75 11.42 -2.91
C ILE B 322 -13.15 12.80 -3.49
N ALA B 323 -12.40 13.84 -3.14
CA ALA B 323 -12.61 15.17 -3.75
C ALA B 323 -12.60 15.13 -5.28
N SER B 324 -11.58 14.47 -5.84
CA SER B 324 -11.47 14.38 -7.31
C SER B 324 -12.64 13.60 -7.90
N SER B 325 -12.98 12.48 -7.27
CA SER B 325 -14.07 11.65 -7.74
C SER B 325 -15.39 12.45 -7.74
N MET B 326 -15.63 13.19 -6.64
CA MET B 326 -16.87 13.95 -6.49
C MET B 326 -16.96 15.12 -7.45
N GLN B 327 -15.83 15.75 -7.75
CA GLN B 327 -15.77 16.72 -8.85
C GLN B 327 -16.18 16.10 -10.19
N GLY B 328 -15.67 14.91 -10.51
CA GLY B 328 -16.08 14.20 -11.72
C GLY B 328 -17.54 13.77 -11.71
N MET B 329 -17.98 13.19 -10.58
CA MET B 329 -19.36 12.75 -10.42
C MET B 329 -20.34 13.91 -10.61
N LEU B 330 -20.00 15.06 -10.01
CA LEU B 330 -20.80 16.29 -10.14
C LEU B 330 -20.89 16.77 -11.59
N ALA B 331 -19.74 16.84 -12.26
CA ALA B 331 -19.69 17.22 -13.67
C ALA B 331 -20.53 16.29 -14.55
N GLU B 332 -20.46 14.98 -14.33
CA GLU B 332 -21.21 13.98 -15.11
C GLU B 332 -22.72 14.06 -14.85
N LEU B 333 -23.10 14.26 -13.59
CA LEU B 333 -24.50 14.45 -13.21
C LEU B 333 -25.08 15.66 -13.96
N LYS B 334 -24.31 16.75 -14.04
CA LYS B 334 -24.73 17.97 -14.74
C LYS B 334 -25.09 17.71 -16.20
N GLN B 335 -24.35 16.81 -16.83
CA GLN B 335 -24.59 16.45 -18.23
C GLN B 335 -25.69 15.41 -18.38
N ASN B 336 -26.06 14.77 -17.27
CA ASN B 336 -26.96 13.65 -17.28
C ASN B 336 -27.80 13.63 -15.99
N THR B 337 -28.52 14.73 -15.76
CA THR B 337 -29.25 14.94 -14.51
C THR B 337 -30.34 13.89 -14.32
N PHE B 338 -30.60 13.57 -13.05
CA PHE B 338 -31.75 12.74 -12.69
C PHE B 338 -32.27 13.18 -11.34
N THR B 339 -33.48 12.72 -11.00
CA THR B 339 -34.06 12.94 -9.69
C THR B 339 -34.42 11.59 -9.11
N THR B 340 -33.96 11.34 -7.89
CA THR B 340 -34.28 10.14 -7.15
C THR B 340 -35.81 10.02 -7.05
N PRO B 341 -36.36 8.80 -7.25
CA PRO B 341 -37.82 8.64 -7.15
C PRO B 341 -38.43 9.24 -5.89
N LEU B 342 -39.40 10.13 -6.05
CA LEU B 342 -40.15 10.63 -4.91
C LEU B 342 -40.76 9.54 -4.02
N VAL B 343 -41.23 8.43 -4.61
CA VAL B 343 -41.85 7.38 -3.79
C VAL B 343 -40.86 6.83 -2.74
N TRP B 344 -39.61 6.66 -3.16
CA TRP B 344 -38.53 6.21 -2.25
C TRP B 344 -38.29 7.19 -1.09
N ARG B 345 -38.13 8.47 -1.41
CA ARG B 345 -37.95 9.50 -0.39
C ARG B 345 -39.13 9.57 0.58
N ASP B 346 -40.34 9.42 0.03
CA ASP B 346 -41.58 9.44 0.84
C ASP B 346 -41.62 8.27 1.83
N ILE B 347 -41.32 7.07 1.35
CA ILE B 347 -41.34 5.89 2.23
C ILE B 347 -40.29 6.01 3.34
N LEU B 348 -39.11 6.52 3.00
CA LEU B 348 -38.07 6.76 4.02
C LEU B 348 -38.59 7.71 5.10
N ASN B 349 -39.22 8.81 4.64
CA ASN B 349 -39.75 9.82 5.54
C ASN B 349 -40.84 9.27 6.49
N ILE B 350 -41.66 8.35 6.00
CA ILE B 350 -42.65 7.69 6.86
C ILE B 350 -41.94 6.97 8.03
N HIS B 351 -40.95 6.16 7.70
CA HIS B 351 -40.14 5.48 8.71
C HIS B 351 -39.36 6.42 9.63
N LYS B 352 -38.76 7.45 9.06
CA LYS B 352 -38.05 8.45 9.86
C LYS B 352 -38.93 9.09 10.91
N GLN B 353 -40.13 9.51 10.50
CA GLN B 353 -41.08 10.13 11.46
C GLN B 353 -41.50 9.25 12.62
N GLN B 354 -41.69 7.97 12.36
CA GLN B 354 -42.05 7.02 13.39
C GLN B 354 -40.95 6.85 14.42
N ASN B 355 -39.71 6.68 13.94
CA ASN B 355 -38.56 6.64 14.85
C ASN B 355 -38.34 7.95 15.58
N ALA B 356 -38.53 9.08 14.89
CA ALA B 356 -38.41 10.39 15.53
C ALA B 356 -39.45 10.55 16.66
N GLN B 357 -40.66 10.03 16.43
CA GLN B 357 -41.72 10.10 17.45
C GLN B 357 -41.34 9.28 18.69
N LYS B 358 -40.92 8.03 18.46
CA LYS B 358 -40.40 7.16 19.54
C LYS B 358 -39.22 7.78 20.30
N MET B 359 -38.31 8.41 19.56
CA MET B 359 -37.18 9.11 20.16
C MET B 359 -37.66 10.25 21.08
N HIS B 360 -38.57 11.08 20.56
CA HIS B 360 -39.05 12.27 21.29
C HIS B 360 -39.62 11.90 22.66
N GLU B 361 -40.42 10.83 22.69
CA GLU B 361 -40.99 10.32 23.94
C GLU B 361 -39.92 9.99 24.98
N LYS B 362 -38.87 9.29 24.57
CA LYS B 362 -37.78 8.94 25.48
C LYS B 362 -37.02 10.18 25.92
N LEU B 363 -36.78 11.08 24.97
CA LEU B 363 -36.03 12.32 25.21
C LEU B 363 -36.74 13.28 26.17
N SER B 364 -38.07 13.33 26.08
CA SER B 364 -38.83 14.39 26.78
C SER B 364 -39.43 13.96 28.12
N THR B 365 -39.27 12.68 28.45
CA THR B 365 -39.79 12.13 29.69
C THR B 365 -38.75 12.21 30.81
N ASP B 366 -39.01 13.08 31.79
CA ASP B 366 -38.09 13.24 32.92
C ASP B 366 -38.13 12.01 33.82
N THR B 367 -36.98 11.65 34.37
CA THR B 367 -36.90 10.54 35.33
C THR B 367 -35.93 10.89 36.44
N GLN B 368 -36.05 10.16 37.54
CA GLN B 368 -35.06 10.21 38.62
C GLN B 368 -34.73 8.78 39.06
N PRO B 369 -33.45 8.39 38.95
CA PRO B 369 -32.35 9.19 38.39
C PRO B 369 -32.48 9.39 36.85
N LEU B 370 -31.64 10.26 36.31
CA LEU B 370 -31.55 10.46 34.86
C LEU B 370 -31.28 9.15 34.11
N ASN B 371 -31.77 9.06 32.88
CA ASN B 371 -31.37 8.01 31.95
C ASN B 371 -30.57 8.62 30.80
N TYR B 372 -30.21 7.81 29.81
CA TYR B 372 -29.40 8.29 28.69
C TYR B 372 -30.16 9.27 27.83
N PHE B 373 -31.46 9.06 27.70
CA PHE B 373 -32.26 9.86 26.78
C PHE B 373 -32.54 11.25 27.30
N ASN B 374 -33.08 11.38 28.52
CA ASN B 374 -33.31 12.73 29.06
C ASN B 374 -32.04 13.53 29.37
N ALA B 375 -30.98 12.85 29.82
CA ALA B 375 -29.68 13.49 29.99
C ALA B 375 -29.15 14.03 28.66
N LEU B 376 -29.18 13.20 27.62
CA LEU B 376 -28.67 13.62 26.30
C LEU B 376 -29.56 14.68 25.64
N SER B 377 -30.85 14.63 25.96
CA SER B 377 -31.76 15.68 25.51
C SER B 377 -31.35 17.02 26.09
N ALA B 378 -30.96 17.03 27.37
CA ALA B 378 -30.42 18.24 28.01
C ALA B 378 -29.14 18.72 27.36
N VAL B 379 -28.24 17.77 27.06
CA VAL B 379 -26.99 18.11 26.36
C VAL B 379 -27.29 18.75 25.00
N ARG B 380 -28.20 18.16 24.23
CA ARG B 380 -28.59 18.69 22.92
C ARG B 380 -29.17 20.12 23.03
N ASP B 381 -29.96 20.38 24.08
CA ASP B 381 -30.47 21.74 24.36
C ASP B 381 -29.35 22.78 24.37
N VAL B 382 -28.26 22.44 25.07
CA VAL B 382 -27.11 23.32 25.17
C VAL B 382 -26.29 23.37 23.87
N LEU B 383 -26.04 22.21 23.26
CA LEU B 383 -25.21 22.20 22.05
C LEU B 383 -25.88 22.92 20.88
N ARG B 384 -27.21 22.80 20.79
CA ARG B 384 -28.00 23.57 19.81
C ARG B 384 -27.69 25.07 19.87
N GLU B 385 -27.39 25.57 21.08
CA GLU B 385 -27.09 26.99 21.32
C GLU B 385 -25.59 27.30 21.29
N ASN B 386 -24.77 26.28 21.09
CA ASN B 386 -23.31 26.42 21.14
C ASN B 386 -22.66 25.57 20.06
N GLN B 387 -22.90 25.97 18.82
CA GLN B 387 -22.62 25.14 17.67
C GLN B 387 -21.16 25.15 17.18
N ASP B 388 -20.35 26.03 17.72
CA ASP B 388 -18.95 26.06 17.28
C ASP B 388 -18.04 25.27 18.23
N ILE B 389 -18.49 24.10 18.65
CA ILE B 389 -17.70 23.24 19.53
C ILE B 389 -17.24 22.01 18.75
N TYR B 390 -16.28 21.28 19.35
CA TYR B 390 -15.94 19.91 18.97
C TYR B 390 -16.55 18.94 19.97
N LEU B 391 -17.06 17.82 19.45
CA LEU B 391 -17.64 16.78 20.26
C LEU B 391 -16.77 15.53 20.24
N VAL B 392 -16.27 15.16 21.41
CA VAL B 392 -15.56 13.87 21.60
C VAL B 392 -16.52 12.94 22.35
N ASN B 393 -16.50 11.64 22.03
CA ASN B 393 -17.51 10.72 22.53
C ASN B 393 -16.95 9.29 22.60
N GLU B 394 -17.11 8.65 23.75
CA GLU B 394 -16.72 7.25 23.92
C GLU B 394 -17.49 6.62 25.06
N GLY B 395 -17.60 5.29 25.02
CA GLY B 395 -18.43 4.54 25.95
C GLY B 395 -19.15 3.44 25.20
N ALA B 396 -20.15 2.84 25.83
CA ALA B 396 -20.98 1.90 25.13
C ALA B 396 -22.35 2.58 24.93
N ASN B 397 -23.21 2.49 25.94
CA ASN B 397 -24.45 3.26 25.93
C ASN B 397 -24.23 4.75 25.70
N THR B 398 -23.21 5.33 26.35
CA THR B 398 -22.87 6.74 26.24
C THR B 398 -22.51 7.10 24.81
N LEU B 399 -21.87 6.17 24.11
CA LEU B 399 -21.51 6.35 22.70
C LEU B 399 -22.71 6.20 21.75
N ASP B 400 -23.38 5.05 21.77
CA ASP B 400 -24.46 4.80 20.80
C ASP B 400 -25.58 5.84 20.91
N ASN B 401 -25.97 6.14 22.14
CA ASN B 401 -27.03 7.17 22.36
C ASN B 401 -26.59 8.59 22.01
N ALA B 402 -25.35 8.97 22.33
CA ALA B 402 -24.93 10.31 21.96
C ALA B 402 -24.79 10.46 20.44
N ARG B 403 -24.27 9.40 19.78
CA ARG B 403 -24.19 9.40 18.31
C ARG B 403 -25.58 9.67 17.69
N ASN B 404 -26.62 9.00 18.22
CA ASN B 404 -27.98 9.14 17.66
C ASN B 404 -28.58 10.51 17.95
N ILE B 405 -28.39 10.97 19.18
CA ILE B 405 -29.14 12.12 19.71
C ILE B 405 -28.46 13.49 19.47
N ILE B 406 -27.13 13.55 19.52
CA ILE B 406 -26.43 14.81 19.34
C ILE B 406 -26.22 15.09 17.85
N ASP B 407 -27.01 16.02 17.33
CA ASP B 407 -26.89 16.44 15.95
C ASP B 407 -25.60 17.23 15.76
N MET B 408 -24.93 16.99 14.65
CA MET B 408 -23.79 17.79 14.22
C MET B 408 -24.26 18.74 13.12
N TYR B 409 -23.76 19.97 13.16
CA TYR B 409 -24.18 21.02 12.23
C TYR B 409 -23.10 21.38 11.21
N LYS B 410 -21.84 21.01 11.53
CA LYS B 410 -20.68 21.34 10.70
C LYS B 410 -19.81 20.07 10.58
N PRO B 411 -19.02 19.95 9.48
CA PRO B 411 -18.22 18.72 9.26
C PRO B 411 -16.99 18.64 10.16
N ARG B 412 -16.49 17.43 10.36
CA ARG B 412 -15.26 17.19 11.13
C ARG B 412 -15.28 17.83 12.53
N ARG B 413 -16.41 17.65 13.23
CA ARG B 413 -16.55 18.13 14.61
C ARG B 413 -16.78 16.97 15.60
N ARG B 414 -16.99 15.75 15.10
CA ARG B 414 -17.22 14.61 15.97
C ARG B 414 -16.01 13.66 15.94
N LEU B 415 -15.47 13.34 17.11
CA LEU B 415 -14.39 12.35 17.18
C LEU B 415 -14.72 11.29 18.21
N ASP B 416 -14.65 10.01 17.81
CA ASP B 416 -15.06 8.95 18.72
C ASP B 416 -14.19 7.67 18.63
N CYS B 417 -14.68 6.61 19.25
CA CYS B 417 -13.96 5.31 19.38
C CYS B 417 -13.50 4.70 18.05
N GLY B 418 -14.20 5.01 16.96
CA GLY B 418 -13.77 4.60 15.61
C GLY B 418 -13.85 3.12 15.31
N THR B 419 -13.12 2.72 14.27
CA THR B 419 -13.25 1.39 13.65
C THR B 419 -12.90 0.23 14.60
N TRP B 420 -11.96 0.46 15.51
CA TRP B 420 -11.58 -0.56 16.49
C TRP B 420 -12.35 -0.47 17.80
N GLY B 421 -13.26 0.50 17.91
CA GLY B 421 -14.06 0.70 19.13
C GLY B 421 -13.21 0.87 20.39
N VAL B 422 -12.15 1.65 20.28
CA VAL B 422 -11.18 1.82 21.38
C VAL B 422 -11.78 2.69 22.49
N MET B 423 -11.77 2.19 23.73
CA MET B 423 -11.93 3.07 24.91
C MET B 423 -10.57 3.66 25.25
N GLY B 424 -10.53 4.96 25.46
CA GLY B 424 -9.30 5.65 25.84
C GLY B 424 -8.86 6.74 24.89
N ILE B 425 -9.67 7.01 23.88
CA ILE B 425 -9.34 8.10 22.94
C ILE B 425 -9.84 9.48 23.40
N GLY B 426 -10.65 9.51 24.46
CA GLY B 426 -11.38 10.74 24.77
C GLY B 426 -10.51 11.93 25.15
N MET B 427 -9.59 11.76 26.10
CA MET B 427 -8.81 12.93 26.53
C MET B 427 -7.83 13.39 25.45
N GLY B 428 -7.20 12.44 24.75
CA GLY B 428 -6.29 12.77 23.66
C GLY B 428 -6.97 13.46 22.48
N TYR B 429 -8.12 12.95 22.07
CA TYR B 429 -8.88 13.59 20.97
C TYR B 429 -9.34 14.99 21.40
N ALA B 430 -9.76 15.11 22.66
CA ALA B 430 -10.13 16.44 23.20
C ALA B 430 -8.98 17.46 23.18
N ILE B 431 -7.80 17.06 23.65
CA ILE B 431 -6.62 17.92 23.58
C ILE B 431 -6.24 18.23 22.14
N GLY B 432 -6.14 17.21 21.29
CA GLY B 432 -5.82 17.45 19.89
C GLY B 432 -6.78 18.40 19.19
N ALA B 433 -8.08 18.19 19.38
CA ALA B 433 -9.13 19.06 18.79
C ALA B 433 -9.01 20.50 19.31
N SER B 434 -8.90 20.67 20.63
CA SER B 434 -8.76 22.04 21.16
C SER B 434 -7.48 22.75 20.77
N VAL B 435 -6.35 22.06 20.80
CA VAL B 435 -5.09 22.66 20.40
C VAL B 435 -5.12 23.03 18.91
N THR B 436 -5.66 22.13 18.09
CA THR B 436 -5.70 22.34 16.65
C THR B 436 -6.59 23.52 16.27
N SER B 437 -7.77 23.57 16.86
CA SER B 437 -8.84 24.46 16.43
C SER B 437 -8.89 25.80 17.18
N GLY B 438 -8.42 25.80 18.43
CA GLY B 438 -8.64 26.92 19.34
C GLY B 438 -10.07 27.02 19.87
N SER B 439 -10.90 26.02 19.59
CA SER B 439 -12.31 26.00 19.98
C SER B 439 -12.59 25.16 21.24
N PRO B 440 -13.73 25.41 21.91
CA PRO B 440 -14.10 24.54 23.02
C PRO B 440 -14.42 23.12 22.56
N VAL B 441 -14.21 22.17 23.47
CA VAL B 441 -14.55 20.77 23.26
C VAL B 441 -15.50 20.32 24.35
N VAL B 442 -16.48 19.54 23.95
CA VAL B 442 -17.31 18.80 24.88
C VAL B 442 -17.00 17.32 24.68
N ALA B 443 -16.53 16.68 25.75
CA ALA B 443 -16.26 15.26 25.73
C ALA B 443 -17.35 14.51 26.50
N ILE B 444 -18.20 13.79 25.77
CA ILE B 444 -19.23 12.97 26.40
C ILE B 444 -18.70 11.56 26.63
N GLU B 445 -18.45 11.24 27.90
CA GLU B 445 -17.64 10.09 28.32
C GLU B 445 -18.44 9.13 29.17
N GLY B 446 -18.42 7.85 28.79
CA GLY B 446 -18.80 6.78 29.72
C GLY B 446 -17.84 6.81 30.91
N ASP B 447 -18.29 6.34 32.06
CA ASP B 447 -17.40 6.34 33.25
C ASP B 447 -16.24 5.33 33.13
N SER B 448 -16.52 4.13 32.62
CA SER B 448 -15.42 3.21 32.28
C SER B 448 -14.50 3.82 31.21
N ALA B 449 -15.07 4.29 30.10
CA ALA B 449 -14.26 4.89 29.04
C ALA B 449 -13.32 5.96 29.56
N PHE B 450 -13.84 6.90 30.38
CA PHE B 450 -13.03 7.97 30.94
C PHE B 450 -11.80 7.43 31.68
N GLY B 451 -11.96 6.35 32.42
CA GLY B 451 -10.87 5.75 33.20
C GLY B 451 -9.62 5.37 32.39
N PHE B 452 -9.80 5.15 31.08
CA PHE B 452 -8.65 4.76 30.21
C PHE B 452 -7.66 5.90 29.91
N SER B 453 -8.08 7.15 30.05
CA SER B 453 -7.19 8.31 29.82
C SER B 453 -7.37 9.42 30.86
N GLY B 454 -8.00 9.12 31.98
CA GLY B 454 -8.46 10.17 32.91
C GLY B 454 -7.37 11.08 33.48
N MET B 455 -6.14 10.57 33.60
CA MET B 455 -5.05 11.41 34.13
C MET B 455 -4.74 12.63 33.27
N GLU B 456 -5.11 12.59 31.98
CA GLU B 456 -4.89 13.72 31.10
C GLU B 456 -5.69 14.98 31.46
N ILE B 457 -6.60 14.87 32.41
CA ILE B 457 -7.25 16.10 32.91
C ILE B 457 -6.21 17.08 33.47
N GLU B 458 -5.09 16.57 33.99
CA GLU B 458 -4.01 17.45 34.44
C GLU B 458 -3.39 18.18 33.27
N THR B 459 -3.25 17.47 32.14
CA THR B 459 -2.72 18.07 30.92
C THR B 459 -3.64 19.21 30.46
N ILE B 460 -4.94 18.95 30.45
CA ILE B 460 -5.97 19.93 30.09
C ILE B 460 -5.83 21.19 30.97
N CYS B 461 -5.67 20.97 32.27
CA CYS B 461 -5.44 22.08 33.22
C CYS B 461 -4.12 22.81 33.00
N ARG B 462 -3.04 22.07 32.76
CA ARG B 462 -1.72 22.65 32.57
C ARG B 462 -1.67 23.62 31.40
N TYR B 463 -2.40 23.30 30.32
CA TYR B 463 -2.43 24.16 29.15
C TYR B 463 -3.67 25.03 29.07
N ASN B 464 -4.50 24.95 30.12
CA ASN B 464 -5.73 25.75 30.26
C ASN B 464 -6.66 25.65 29.05
N LEU B 465 -6.90 24.41 28.61
CA LEU B 465 -7.66 24.16 27.40
C LEU B 465 -9.15 24.12 27.71
N PRO B 466 -9.97 24.71 26.82
CA PRO B 466 -11.42 24.78 27.05
C PRO B 466 -12.15 23.47 26.80
N VAL B 467 -11.93 22.48 27.65
CA VAL B 467 -12.57 21.19 27.53
C VAL B 467 -13.52 20.99 28.69
N THR B 468 -14.76 20.64 28.34
CA THR B 468 -15.75 20.23 29.31
C THR B 468 -16.01 18.74 29.18
N ILE B 469 -15.64 18.01 30.23
CA ILE B 469 -15.80 16.56 30.25
C ILE B 469 -17.11 16.19 30.95
N VAL B 470 -18.04 15.62 30.19
CA VAL B 470 -19.35 15.20 30.72
C VAL B 470 -19.34 13.70 30.90
N ILE B 471 -19.25 13.26 32.15
CA ILE B 471 -19.15 11.84 32.45
C ILE B 471 -20.50 11.29 32.80
N PHE B 472 -20.96 10.32 32.01
CA PHE B 472 -22.19 9.59 32.28
C PHE B 472 -21.95 8.51 33.32
N ASN B 473 -22.15 8.87 34.59
CA ASN B 473 -21.76 8.01 35.68
C ASN B 473 -22.89 7.09 36.06
N ASN B 474 -22.92 5.92 35.45
CA ASN B 474 -23.88 4.87 35.75
C ASN B 474 -23.29 3.80 36.68
N GLY B 475 -22.06 4.02 37.14
CA GLY B 475 -21.42 3.10 38.10
C GLY B 475 -20.86 1.83 37.51
N GLY B 476 -20.58 1.84 36.20
CA GLY B 476 -19.87 0.72 35.62
C GLY B 476 -19.88 0.59 34.12
N ILE B 477 -19.44 -0.59 33.69
CA ILE B 477 -19.34 -0.96 32.28
C ILE B 477 -20.70 -1.47 31.83
N TYR B 478 -21.37 -0.66 30.99
CA TYR B 478 -22.74 -0.88 30.49
C TYR B 478 -23.79 -0.53 31.55
N ARG B 479 -23.65 -1.12 32.74
CA ARG B 479 -24.58 -0.94 33.86
C ARG B 479 -23.82 -0.89 35.19
N GLY B 480 -24.48 -0.45 36.25
CA GLY B 480 -23.84 -0.36 37.56
C GLY B 480 -24.56 -1.19 38.61
N ASP B 481 -25.38 -2.14 38.17
CA ASP B 481 -26.17 -2.96 39.10
C ASP B 481 -25.79 -4.45 39.05
N GLY B 482 -24.51 -4.72 38.74
CA GLY B 482 -24.03 -6.10 38.68
C GLY B 482 -23.95 -6.73 40.05
N VAL B 483 -24.01 -8.06 40.09
CA VAL B 483 -23.87 -8.79 41.35
C VAL B 483 -22.85 -9.91 41.23
N ASP B 484 -22.12 -10.12 42.31
CA ASP B 484 -21.17 -11.22 42.41
C ASP B 484 -21.97 -12.50 42.57
N LEU B 485 -21.96 -13.31 41.52
CA LEU B 485 -22.71 -14.55 41.45
C LEU B 485 -22.24 -15.65 42.40
N SER B 486 -21.10 -15.44 43.06
CA SER B 486 -20.65 -16.42 44.05
C SER B 486 -21.39 -16.28 45.40
N GLY B 487 -22.00 -15.12 45.64
CA GLY B 487 -22.56 -14.82 46.96
C GLY B 487 -21.62 -14.08 47.90
N ALA B 488 -20.37 -13.89 47.47
CA ALA B 488 -19.34 -13.26 48.30
C ALA B 488 -19.44 -11.73 48.42
N GLY B 489 -20.30 -11.09 47.63
CA GLY B 489 -20.50 -9.65 47.72
C GLY B 489 -19.38 -8.75 47.18
N ALA B 490 -18.46 -9.32 46.39
CA ALA B 490 -17.45 -8.52 45.72
C ALA B 490 -18.08 -7.71 44.57
N PRO B 491 -17.45 -6.58 44.17
CA PRO B 491 -17.93 -5.91 42.96
C PRO B 491 -17.96 -6.90 41.78
N SER B 492 -19.00 -6.85 40.94
CA SER B 492 -19.07 -7.74 39.77
C SER B 492 -18.04 -7.27 38.74
N PRO B 493 -17.72 -8.11 37.73
CA PRO B 493 -16.68 -7.66 36.78
C PRO B 493 -16.96 -6.33 36.05
N THR B 494 -18.24 -5.92 35.97
CA THR B 494 -18.61 -4.66 35.30
C THR B 494 -18.87 -3.47 36.22
N ASP B 495 -18.85 -3.70 37.53
CA ASP B 495 -19.07 -2.61 38.49
C ASP B 495 -17.86 -1.73 38.70
N LEU B 496 -18.11 -0.43 38.72
CA LEU B 496 -17.13 0.51 39.22
C LEU B 496 -17.58 0.96 40.62
N LEU B 497 -16.82 1.83 41.28
CA LEU B 497 -17.21 2.27 42.62
C LEU B 497 -18.60 2.91 42.60
N HIS B 498 -19.48 2.50 43.52
CA HIS B 498 -20.81 3.08 43.65
C HIS B 498 -20.67 4.56 43.98
N HIS B 499 -21.29 5.41 43.15
CA HIS B 499 -21.36 6.86 43.38
C HIS B 499 -20.03 7.62 43.54
N ALA B 500 -19.04 7.22 42.74
CA ALA B 500 -17.82 7.97 42.61
C ALA B 500 -18.16 9.38 42.17
N ARG B 501 -17.38 10.34 42.64
CA ARG B 501 -17.56 11.74 42.28
C ARG B 501 -16.39 12.25 41.44
N TYR B 502 -16.46 11.96 40.12
CA TYR B 502 -15.38 12.31 39.20
C TYR B 502 -15.12 13.81 39.11
N ASP B 503 -16.14 14.62 39.40
CA ASP B 503 -15.97 16.08 39.40
C ASP B 503 -14.88 16.55 40.38
N LYS B 504 -14.73 15.80 41.48
CA LYS B 504 -13.75 16.15 42.52
C LYS B 504 -12.30 15.98 42.06
N LEU B 505 -12.07 15.15 41.03
CA LEU B 505 -10.73 15.00 40.46
C LEU B 505 -10.13 16.32 40.07
N MET B 506 -10.96 17.21 39.54
CA MET B 506 -10.49 18.53 39.14
C MET B 506 -9.90 19.36 40.26
N ASP B 507 -10.30 19.10 41.51
CA ASP B 507 -9.77 19.83 42.67
C ASP B 507 -8.25 19.73 42.74
N ALA B 508 -7.71 18.56 42.39
CA ALA B 508 -6.26 18.33 42.40
C ALA B 508 -5.49 19.27 41.49
N PHE B 509 -6.16 19.75 40.43
CA PHE B 509 -5.48 20.50 39.39
C PHE B 509 -6.06 21.90 39.18
N ARG B 510 -6.84 22.36 40.14
CA ARG B 510 -7.44 23.70 40.13
C ARG B 510 -8.39 23.93 38.94
N GLY B 511 -9.07 22.85 38.54
CA GLY B 511 -10.07 22.88 37.48
C GLY B 511 -11.43 23.00 38.14
N VAL B 512 -12.48 22.97 37.33
CA VAL B 512 -13.85 23.12 37.81
C VAL B 512 -14.58 21.79 37.78
N GLY B 513 -15.37 21.54 38.83
CA GLY B 513 -16.20 20.35 38.91
C GLY B 513 -17.65 20.66 39.22
N TYR B 514 -18.56 19.95 38.55
CA TYR B 514 -20.00 19.97 38.84
C TYR B 514 -20.53 18.57 39.01
N ASN B 515 -21.39 18.40 40.01
CA ASN B 515 -22.14 17.18 40.16
C ASN B 515 -23.59 17.49 39.78
N VAL B 516 -24.15 16.71 38.86
CA VAL B 516 -25.52 16.96 38.37
C VAL B 516 -26.39 15.72 38.44
N THR B 517 -27.64 15.91 38.91
CA THR B 517 -28.60 14.83 39.04
C THR B 517 -29.90 15.09 38.26
N THR B 518 -30.07 16.30 37.75
CA THR B 518 -31.28 16.65 37.00
C THR B 518 -30.94 17.33 35.68
N THR B 519 -31.89 17.32 34.75
CA THR B 519 -31.68 17.97 33.45
C THR B 519 -31.40 19.47 33.57
N ASP B 520 -32.08 20.15 34.49
CA ASP B 520 -31.81 21.57 34.76
C ASP B 520 -30.38 21.81 35.23
N GLU B 521 -29.93 21.01 36.21
CA GLU B 521 -28.54 21.12 36.68
C GLU B 521 -27.57 20.85 35.54
N LEU B 522 -27.85 19.79 34.76
CA LEU B 522 -27.02 19.44 33.60
C LEU B 522 -26.93 20.58 32.58
N ARG B 523 -28.08 21.14 32.19
CA ARG B 523 -28.08 22.28 31.26
C ARG B 523 -27.25 23.45 31.77
N HIS B 524 -27.42 23.82 33.04
CA HIS B 524 -26.67 24.95 33.57
C HIS B 524 -25.15 24.68 33.61
N ALA B 525 -24.78 23.48 34.05
CA ALA B 525 -23.38 23.14 34.23
C ALA B 525 -22.65 23.12 32.88
N LEU B 526 -23.27 22.52 31.86
CA LEU B 526 -22.69 22.42 30.51
C LEU B 526 -22.60 23.79 29.81
N THR B 527 -23.66 24.58 29.88
CA THR B 527 -23.59 25.95 29.36
C THR B 527 -22.43 26.73 29.98
N THR B 528 -22.30 26.65 31.31
CA THR B 528 -21.25 27.39 32.02
C THR B 528 -19.86 26.89 31.61
N GLY B 529 -19.69 25.57 31.59
CA GLY B 529 -18.44 24.96 31.13
C GLY B 529 -17.96 25.47 29.78
N ILE B 530 -18.81 25.37 28.77
CA ILE B 530 -18.48 25.84 27.43
C ILE B 530 -18.16 27.32 27.42
N GLN B 531 -19.03 28.13 28.01
CA GLN B 531 -18.87 29.58 27.93
C GLN B 531 -17.71 30.14 28.77
N SER B 532 -17.39 29.48 29.89
CA SER B 532 -16.24 29.85 30.74
C SER B 532 -14.88 29.56 30.08
N ARG B 533 -14.87 28.58 29.18
CA ARG B 533 -13.65 28.07 28.56
C ARG B 533 -12.65 27.52 29.60
N LYS B 534 -13.16 27.17 30.77
CA LYS B 534 -12.35 26.57 31.82
C LYS B 534 -12.41 25.05 31.74
N PRO B 535 -11.28 24.36 32.00
CA PRO B 535 -11.30 22.90 32.15
C PRO B 535 -12.33 22.50 33.19
N THR B 536 -13.27 21.65 32.79
CA THR B 536 -14.41 21.29 33.63
C THR B 536 -14.77 19.82 33.52
N ILE B 537 -15.06 19.21 34.67
CA ILE B 537 -15.72 17.91 34.71
C ILE B 537 -17.13 18.05 35.26
N ILE B 538 -18.08 17.49 34.51
CA ILE B 538 -19.45 17.36 34.95
C ILE B 538 -19.73 15.89 35.22
N ASN B 539 -19.88 15.57 36.49
CA ASN B 539 -20.31 14.24 36.90
C ASN B 539 -21.84 14.13 36.81
N VAL B 540 -22.31 13.36 35.83
CA VAL B 540 -23.75 13.15 35.62
C VAL B 540 -24.20 11.82 36.23
N VAL B 541 -25.09 11.90 37.22
CA VAL B 541 -25.58 10.71 37.87
C VAL B 541 -26.65 10.02 37.02
N ILE B 542 -26.28 8.86 36.47
CA ILE B 542 -27.14 8.14 35.56
C ILE B 542 -27.63 6.90 36.27
N ASP B 543 -28.89 6.55 36.01
CA ASP B 543 -29.52 5.35 36.56
C ASP B 543 -28.63 4.15 36.25
N PRO B 544 -28.13 3.46 37.28
CA PRO B 544 -27.28 2.27 37.05
C PRO B 544 -27.95 1.16 36.24
N ALA B 545 -29.28 1.18 36.16
CA ALA B 545 -30.03 0.13 35.46
C ALA B 545 -30.50 0.54 34.05
N ALA B 546 -30.23 1.79 33.65
CA ALA B 546 -30.67 2.32 32.35
C ALA B 546 -29.96 1.66 31.16
N GLY B 547 -28.65 1.46 31.25
CA GLY B 547 -27.90 0.92 30.11
C GLY B 547 -28.25 -0.50 29.77
N THR B 548 -27.93 -0.91 28.54
CA THR B 548 -28.03 -2.30 28.13
C THR B 548 -26.62 -2.83 27.84
N GLU B 549 -26.49 -4.15 27.85
CA GLU B 549 -25.19 -4.78 27.65
C GLU B 549 -24.89 -5.12 26.17
N SER B 550 -23.65 -4.83 25.80
CA SER B 550 -23.01 -5.19 24.51
C SER B 550 -23.07 -4.05 23.49
MG MG C . 30.45 -18.16 -15.11
N1A ACO D . 27.59 -0.03 -27.28
C2A ACO D . 28.52 0.82 -26.78
N3A ACO D . 28.46 1.28 -25.52
C4A ACO D . 27.49 0.80 -24.69
C5A ACO D . 26.42 -0.09 -25.15
C6A ACO D . 26.56 -0.54 -26.53
N6A ACO D . 25.65 -1.40 -27.05
N7A ACO D . 25.59 -0.33 -24.08
C8A ACO D . 26.03 0.37 -23.00
N9A ACO D . 27.18 1.16 -23.41
C1B ACO D . 28.20 1.57 -22.44
C2B ACO D . 27.56 2.62 -21.54
O2B ACO D . 27.44 3.92 -22.11
C3B ACO D . 28.50 2.58 -20.36
O3B ACO D . 29.71 3.29 -20.70
P3B ACO D . 29.95 4.79 -20.16
O7A ACO D . 30.27 4.67 -18.70
O8A ACO D . 28.69 5.52 -20.50
O9A ACO D . 31.20 5.21 -20.95
C4B ACO D . 28.83 1.10 -20.27
O4B ACO D . 28.67 0.55 -21.58
C5B ACO D . 27.94 0.36 -19.26
O5B ACO D . 26.55 0.58 -19.54
P1A ACO D . 25.43 0.00 -18.54
O1A ACO D . 24.10 0.51 -19.04
O2A ACO D . 25.69 -1.50 -18.45
O3A ACO D . 25.87 0.83 -17.22
P2A ACO D . 25.80 0.29 -15.69
O4A ACO D . 24.49 -0.47 -15.54
O5A ACO D . 26.08 1.48 -14.78
O6A ACO D . 27.03 -0.74 -15.63
N1' TPP E . 22.79 -16.40 -4.98
C2' TPP E . 21.66 -15.90 -5.58
CM2 TPP E . 20.33 -16.59 -5.40
N3' TPP E . 21.75 -14.75 -6.31
C4' TPP E . 22.95 -14.08 -6.45
N4' TPP E . 22.96 -12.95 -7.17
C5' TPP E . 24.12 -14.60 -5.88
C6' TPP E . 24.02 -15.79 -5.15
C7' TPP E . 25.50 -13.97 -6.06
N3 TPP E . 25.88 -14.00 -7.50
C2 TPP E . 26.06 -12.87 -8.31
S1 TPP E . 26.45 -13.20 -9.87
C5 TPP E . 26.55 -14.79 -9.51
C4 TPP E . 26.20 -15.12 -8.21
CM4 TPP E . 26.20 -16.55 -7.68
C6 TPP E . 26.96 -15.78 -10.61
C7 TPP E . 28.07 -15.18 -11.50
O7 TPP E . 28.61 -16.21 -12.32
PA TPP E . 27.98 -16.63 -13.73
O1A TPP E . 26.47 -16.76 -13.67
O2A TPP E . 28.60 -17.94 -14.15
O3A TPP E . 28.30 -15.42 -14.74
PB TPP E . 29.79 -15.04 -15.31
O1B TPP E . 30.14 -13.71 -14.72
O2B TPP E . 29.57 -14.96 -16.80
O3B TPP E . 30.75 -16.13 -14.93
O1 MES F . -5.63 -41.09 -3.67
C2 MES F . -5.30 -40.71 -2.34
C3 MES F . -4.69 -39.30 -2.34
N4 MES F . -5.57 -38.40 -3.08
C5 MES F . -6.25 -38.80 -4.33
C6 MES F . -6.67 -40.27 -4.22
C7 MES F . -5.78 -37.02 -2.56
C8 MES F . -4.59 -36.17 -3.00
S MES F . -4.56 -34.59 -2.44
O1S MES F . -5.28 -33.76 -3.42
O2S MES F . -5.17 -34.41 -1.10
O3S MES F . -3.15 -34.16 -2.33
MG MG G . -20.62 3.35 32.50
N1A ACO H . -33.97 9.76 16.02
C2A ACO H . -34.73 8.66 15.80
N3A ACO H . -34.21 7.47 15.40
C4A ACO H . -32.85 7.37 15.23
C5A ACO H . -31.96 8.51 15.43
C6A ACO H . -32.60 9.77 15.88
N6A ACO H . -31.84 10.86 16.13
N7A ACO H . -30.69 8.08 15.15
C8A ACO H . -30.72 6.76 14.78
N9A ACO H . -32.11 6.32 14.72
C1B ACO H . -32.49 4.91 14.94
C2B ACO H . -32.08 4.12 13.70
O2B ACO H . -32.97 4.30 12.59
C3B ACO H . -32.07 2.70 14.23
O3B ACO H . -33.39 2.17 14.29
P3B ACO H . -33.98 1.18 13.18
O7A ACO H . -33.29 -0.15 13.43
O8A ACO H . -33.61 1.82 11.83
O9A ACO H . -35.46 1.12 13.47
C4B ACO H . -31.57 2.89 15.65
O4B ACO H . -31.84 4.25 16.03
C5B ACO H . -30.07 2.63 15.73
O5B ACO H . -29.37 3.53 14.86
P1A ACO H . -27.76 3.44 14.69
O1A ACO H . -27.11 3.67 16.04
O2A ACO H . -27.36 4.41 13.60
O3A ACO H . -27.66 1.92 14.18
P2A ACO H . -26.56 0.80 14.55
O4A ACO H . -25.18 1.43 14.59
O5A ACO H . -26.77 -0.36 13.61
O6A ACO H . -27.03 0.39 16.04
N1' TPP I . -10.69 -2.01 26.47
C2' TPP I . -10.47 -1.14 25.43
CM2 TPP I . -9.14 -0.47 25.31
N3' TPP I . -11.46 -0.91 24.50
C4' TPP I . -12.67 -1.55 24.62
N4' TPP I . -13.56 -1.27 23.69
C5' TPP I . -12.93 -2.42 25.70
C6' TPP I . -11.91 -2.66 26.62
C7' TPP I . -14.25 -3.13 25.92
N3 TPP I . -15.29 -2.11 26.23
C2 TPP I . -16.36 -1.78 25.41
S1 TPP I . -17.34 -0.59 25.96
C5 TPP I . -16.46 -0.50 27.33
C4 TPP I . -15.37 -1.35 27.37
CM4 TPP I . -14.40 -1.44 28.53
C6 TPP I . -16.90 0.52 28.38
C7 TPP I . -18.42 0.57 28.52
O7 TPP I . -18.80 1.27 29.70
PA TPP I . -18.89 2.86 29.78
O1A TPP I . -17.76 3.59 29.10
O2A TPP I . -18.95 3.34 31.20
O3A TPP I . -20.25 3.25 28.97
PB TPP I . -21.75 2.87 29.45
O1B TPP I . -21.76 2.44 30.90
O2B TPP I . -22.51 4.16 29.27
O3B TPP I . -22.30 1.76 28.59
O1 MES J . 20.83 17.69 30.97
C2 MES J . 20.82 18.45 29.74
C3 MES J . 20.75 17.56 28.49
N4 MES J . 20.17 16.27 28.88
C5 MES J . 20.83 15.46 29.91
C6 MES J . 21.52 16.42 30.89
C7 MES J . 18.95 15.79 28.22
C8 MES J . 19.21 14.38 27.70
S MES J . 18.22 13.87 26.45
O1S MES J . 17.05 13.16 27.01
O2S MES J . 17.84 14.96 25.53
O3S MES J . 19.03 12.88 25.69
#